data_8FEQ
# 
_entry.id   8FEQ 
# 
_audit_conform.dict_name       mmcif_pdbx.dic 
_audit_conform.dict_version    5.387 
_audit_conform.dict_location   http://mmcif.pdb.org/dictionaries/ascii/mmcif_pdbx.dic 
# 
loop_
_database_2.database_id 
_database_2.database_code 
_database_2.pdbx_database_accession 
_database_2.pdbx_DOI 
PDB   8FEQ         pdb_00008feq 10.2210/pdb8feq/pdb 
WWPDB D_1000270470 ?            ?                   
# 
loop_
_pdbx_audit_revision_history.ordinal 
_pdbx_audit_revision_history.data_content_type 
_pdbx_audit_revision_history.major_revision 
_pdbx_audit_revision_history.minor_revision 
_pdbx_audit_revision_history.revision_date 
1 'Structure model' 1 0 2024-01-24 
2 'Structure model' 1 1 2024-01-31 
3 'Structure model' 1 2 2024-02-14 
4 'Structure model' 1 3 2024-02-21 
# 
_pdbx_audit_revision_details.ordinal             1 
_pdbx_audit_revision_details.revision_ordinal    1 
_pdbx_audit_revision_details.data_content_type   'Structure model' 
_pdbx_audit_revision_details.provider            repository 
_pdbx_audit_revision_details.type                'Initial release' 
_pdbx_audit_revision_details.description         ? 
_pdbx_audit_revision_details.details             ? 
# 
loop_
_pdbx_audit_revision_group.ordinal 
_pdbx_audit_revision_group.revision_ordinal 
_pdbx_audit_revision_group.data_content_type 
_pdbx_audit_revision_group.group 
1 2 'Structure model' 'Database references' 
2 3 'Structure model' 'Database references' 
3 4 'Structure model' 'Database references' 
# 
loop_
_pdbx_audit_revision_category.ordinal 
_pdbx_audit_revision_category.revision_ordinal 
_pdbx_audit_revision_category.data_content_type 
_pdbx_audit_revision_category.category 
1 2 'Structure model' citation        
2 2 'Structure model' citation_author 
3 3 'Structure model' citation        
4 3 'Structure model' citation_author 
5 4 'Structure model' citation        
# 
loop_
_pdbx_audit_revision_item.ordinal 
_pdbx_audit_revision_item.revision_ordinal 
_pdbx_audit_revision_item.data_content_type 
_pdbx_audit_revision_item.item 
1  2 'Structure model' '_citation.title'                   
2  3 'Structure model' '_citation.country'                 
3  3 'Structure model' '_citation.journal_abbrev'          
4  3 'Structure model' '_citation.journal_id_ASTM'         
5  3 'Structure model' '_citation.journal_id_CSD'          
6  3 'Structure model' '_citation.journal_id_ISSN'         
7  3 'Structure model' '_citation.pdbx_database_id_DOI'    
8  3 'Structure model' '_citation.pdbx_database_id_PubMed' 
9  3 'Structure model' '_citation.title'                   
10 3 'Structure model' '_citation.year'                    
11 3 'Structure model' '_citation_author.identifier_ORCID' 
12 3 'Structure model' '_citation_author.name'             
13 4 'Structure model' '_citation.journal_volume'          
14 4 'Structure model' '_citation.page_first'              
15 4 'Structure model' '_citation.page_last'               
# 
_pdbx_database_status.status_code                     REL 
_pdbx_database_status.status_code_sf                  REL 
_pdbx_database_status.status_code_mr                  ? 
_pdbx_database_status.entry_id                        8FEQ 
_pdbx_database_status.recvd_initial_deposition_date   2022-12-06 
_pdbx_database_status.SG_entry                        N 
_pdbx_database_status.deposit_site                    RCSB 
_pdbx_database_status.process_site                    RCSB 
_pdbx_database_status.status_code_cs                  ? 
_pdbx_database_status.status_code_nmr_data            ? 
_pdbx_database_status.methods_development_category    ? 
_pdbx_database_status.pdb_format_compatible           N 
# 
_pdbx_contact_author.id                 3 
_pdbx_contact_author.email              jwszostak@uchicago.edu 
_pdbx_contact_author.name_first         Jack 
_pdbx_contact_author.name_last          Szostak 
_pdbx_contact_author.name_mi            W. 
_pdbx_contact_author.role               'principal investigator/group leader' 
_pdbx_contact_author.identifier_ORCID   0000-0003-4131-1203 
# 
loop_
_audit_author.name 
_audit_author.pdbx_ordinal 
_audit_author.identifier_ORCID 
'Fang, Z.'      1 0000-0001-8679-6633 
'Zhou, L.'      2 0000-0002-0393-4787 
'Szostak, J.W.' 3 0000-0003-4131-1203 
# 
_citation.abstract                  ? 
_citation.abstract_id_CAS           ? 
_citation.book_id_ISBN              ? 
_citation.book_publisher            ? 
_citation.book_publisher_city       ? 
_citation.book_title                ? 
_citation.coordinate_linkage        ? 
_citation.country                   US 
_citation.database_id_Medline       ? 
_citation.details                   ? 
_citation.id                        primary 
_citation.journal_abbrev            J.Am.Chem.Soc. 
_citation.journal_id_ASTM           JACSAT 
_citation.journal_id_CSD            ? 
_citation.journal_id_ISSN           1520-5126 
_citation.journal_full              ? 
_citation.journal_issue             ? 
_citation.journal_volume            146 
_citation.language                  ? 
_citation.page_first                3861 
_citation.page_last                 3871 
_citation.title                     
'Unusual Base Pair between Two 2-Thiouridines and Its Implication for Nonenzymatic RNA Copying.' 
_citation.year                      2024 
_citation.database_id_CSD           ? 
_citation.pdbx_database_id_DOI      10.1021/jacs.3c11158 
_citation.pdbx_database_id_PubMed   38293747 
_citation.pdbx_database_id_patent   ? 
_citation.unpublished_flag          ? 
# 
loop_
_citation_author.citation_id 
_citation_author.name 
_citation_author.ordinal 
_citation_author.identifier_ORCID 
primary 'Ding, D.'         1 0000-0001-9046-7816 
primary 'Fang, Z.'         2 0000-0001-8679-6633 
primary 'Kim, S.C.'        3 0000-0002-2230-1774 
primary 
;O'Flaherty, D.K.
;
4 0000-0003-3693-6380 
primary 'Jia, X.'          5 0000-0001-9094-9882 
primary 'Stone, T.B.'      6 ?                   
primary 'Zhou, L.'         7 0000-0002-0393-4787 
primary 'Szostak, J.W.'    8 0000-0003-4131-1203 
# 
loop_
_entity.id 
_entity.type 
_entity.src_method 
_entity.pdbx_description 
_entity.formula_weight 
_entity.pdbx_number_of_molecules 
_entity.pdbx_ec 
_entity.pdbx_mutation 
_entity.pdbx_fragment 
_entity.details 
1 polymer     syn 'RNA 16mer with two separated s(2)U' 5092.155 1  ? ? ? ? 
2 non-polymer man 'CALCIUM ION'                        40.078   1  ? ? ? ? 
3 water       nat water                                18.015   54 ? ? ? ? 
# 
_entity_poly.entity_id                      1 
_entity_poly.type                           polyribonucleotide 
_entity_poly.nstd_linkage                   no 
_entity_poly.nstd_monomer                   yes 
_entity_poly.pdbx_seq_one_letter_code       'AGAG(SUR)AGAUCU(SUR)CUCU' 
_entity_poly.pdbx_seq_one_letter_code_can   AGAGUAGAUCUUCUCU 
_entity_poly.pdbx_strand_id                 AAA 
_entity_poly.pdbx_target_identifier         ? 
# 
loop_
_pdbx_entity_nonpoly.entity_id 
_pdbx_entity_nonpoly.name 
_pdbx_entity_nonpoly.comp_id 
2 'CALCIUM ION' CA  
3 water         HOH 
# 
loop_
_entity_poly_seq.entity_id 
_entity_poly_seq.num 
_entity_poly_seq.mon_id 
_entity_poly_seq.hetero 
1 1  A   n 
1 2  G   n 
1 3  A   n 
1 4  G   n 
1 5  SUR n 
1 6  A   n 
1 7  G   n 
1 8  A   n 
1 9  U   n 
1 10 C   n 
1 11 U   n 
1 12 SUR n 
1 13 C   n 
1 14 U   n 
1 15 C   n 
1 16 U   n 
# 
_pdbx_entity_src_syn.entity_id              1 
_pdbx_entity_src_syn.pdbx_src_id            1 
_pdbx_entity_src_syn.pdbx_alt_source_flag   sample 
_pdbx_entity_src_syn.pdbx_beg_seq_num       1 
_pdbx_entity_src_syn.pdbx_end_seq_num       16 
_pdbx_entity_src_syn.organism_scientific    'synthetic construct' 
_pdbx_entity_src_syn.organism_common_name   ? 
_pdbx_entity_src_syn.ncbi_taxonomy_id       32630 
_pdbx_entity_src_syn.details                ? 
# 
loop_
_chem_comp.id 
_chem_comp.type 
_chem_comp.mon_nstd_flag 
_chem_comp.name 
_chem_comp.pdbx_synonyms 
_chem_comp.formula 
_chem_comp.formula_weight 
A   'RNA linking' y "ADENOSINE-5'-MONOPHOSPHATE"                          ? 'C10 H14 N5 O7 P'  347.221 
C   'RNA linking' y "CYTIDINE-5'-MONOPHOSPHATE"                           ? 'C9 H14 N3 O8 P'   323.197 
CA  non-polymer   . 'CALCIUM ION'                                         ? 'Ca 2'             40.078  
G   'RNA linking' y "GUANOSINE-5'-MONOPHOSPHATE"                          ? 'C10 H14 N5 O8 P'  363.221 
HOH non-polymer   . WATER                                                 ? 'H2 O'             18.015  
SUR 'RNA linking' n "1-(BETA-D-RIBOFURANOSYL)-2-THIO-URACIL-5'-PHOSPHATE" ? 'C9 H13 N2 O8 P S' 340.247 
U   'RNA linking' y "URIDINE-5'-MONOPHOSPHATE"                            ? 'C9 H13 N2 O9 P'   324.181 
# 
loop_
_pdbx_poly_seq_scheme.asym_id 
_pdbx_poly_seq_scheme.entity_id 
_pdbx_poly_seq_scheme.seq_id 
_pdbx_poly_seq_scheme.mon_id 
_pdbx_poly_seq_scheme.ndb_seq_num 
_pdbx_poly_seq_scheme.pdb_seq_num 
_pdbx_poly_seq_scheme.auth_seq_num 
_pdbx_poly_seq_scheme.pdb_mon_id 
_pdbx_poly_seq_scheme.auth_mon_id 
_pdbx_poly_seq_scheme.pdb_strand_id 
_pdbx_poly_seq_scheme.pdb_ins_code 
_pdbx_poly_seq_scheme.hetero 
A 1 1  A   1  1  1  A   A   AAA . n 
A 1 2  G   2  2  2  G   G   AAA . n 
A 1 3  A   3  3  3  A   A   AAA . n 
A 1 4  G   4  4  4  G   G   AAA . n 
A 1 5  SUR 5  5  5  SUR SUR AAA . n 
A 1 6  A   6  6  6  A   A   AAA . n 
A 1 7  G   7  7  7  G   G   AAA . n 
A 1 8  A   8  8  8  A   A   AAA . n 
A 1 9  U   9  9  9  U   U   AAA . n 
A 1 10 C   10 10 10 C   C   AAA . n 
A 1 11 U   11 11 11 U   U   AAA . n 
A 1 12 SUR 12 12 12 SUR SUR AAA . n 
A 1 13 C   13 13 13 C   C   AAA . n 
A 1 14 U   14 14 14 U   U   AAA . n 
A 1 15 C   15 15 15 C   C   AAA . n 
A 1 16 U   16 16 16 U   U   AAA . n 
# 
loop_
_pdbx_nonpoly_scheme.asym_id 
_pdbx_nonpoly_scheme.entity_id 
_pdbx_nonpoly_scheme.mon_id 
_pdbx_nonpoly_scheme.ndb_seq_num 
_pdbx_nonpoly_scheme.pdb_seq_num 
_pdbx_nonpoly_scheme.auth_seq_num 
_pdbx_nonpoly_scheme.pdb_mon_id 
_pdbx_nonpoly_scheme.auth_mon_id 
_pdbx_nonpoly_scheme.pdb_strand_id 
_pdbx_nonpoly_scheme.pdb_ins_code 
B 2 CA  1  101 1  CA  CA  AAA . 
C 3 HOH 1  201 31 HOH HOH AAA . 
C 3 HOH 2  202 33 HOH HOH AAA . 
C 3 HOH 3  203 48 HOH HOH AAA . 
C 3 HOH 4  204 44 HOH HOH AAA . 
C 3 HOH 5  205 26 HOH HOH AAA . 
C 3 HOH 6  206 23 HOH HOH AAA . 
C 3 HOH 7  207 8  HOH HOH AAA . 
C 3 HOH 8  208 12 HOH HOH AAA . 
C 3 HOH 9  209 30 HOH HOH AAA . 
C 3 HOH 10 210 53 HOH HOH AAA . 
C 3 HOH 11 211 47 HOH HOH AAA . 
C 3 HOH 12 212 15 HOH HOH AAA . 
C 3 HOH 13 213 17 HOH HOH AAA . 
C 3 HOH 14 214 42 HOH HOH AAA . 
C 3 HOH 15 215 14 HOH HOH AAA . 
C 3 HOH 16 216 16 HOH HOH AAA . 
C 3 HOH 17 217 13 HOH HOH AAA . 
C 3 HOH 18 218 32 HOH HOH AAA . 
C 3 HOH 19 219 10 HOH HOH AAA . 
C 3 HOH 20 220 6  HOH HOH AAA . 
C 3 HOH 21 221 24 HOH HOH AAA . 
C 3 HOH 22 222 49 HOH HOH AAA . 
C 3 HOH 23 223 35 HOH HOH AAA . 
C 3 HOH 24 224 19 HOH HOH AAA . 
C 3 HOH 25 225 7  HOH HOH AAA . 
C 3 HOH 26 226 41 HOH HOH AAA . 
C 3 HOH 27 227 20 HOH HOH AAA . 
C 3 HOH 28 228 11 HOH HOH AAA . 
C 3 HOH 29 229 9  HOH HOH AAA . 
C 3 HOH 30 230 22 HOH HOH AAA . 
C 3 HOH 31 231 52 HOH HOH AAA . 
C 3 HOH 32 232 51 HOH HOH AAA . 
C 3 HOH 33 233 5  HOH HOH AAA . 
C 3 HOH 34 234 39 HOH HOH AAA . 
C 3 HOH 35 235 46 HOH HOH AAA . 
C 3 HOH 36 236 1  HOH HOH AAA . 
C 3 HOH 37 237 38 HOH HOH AAA . 
C 3 HOH 38 238 2  HOH HOH AAA . 
C 3 HOH 39 239 50 HOH HOH AAA . 
C 3 HOH 40 240 34 HOH HOH AAA . 
C 3 HOH 41 241 18 HOH HOH AAA . 
C 3 HOH 42 242 54 HOH HOH AAA . 
C 3 HOH 43 243 29 HOH HOH AAA . 
C 3 HOH 44 244 43 HOH HOH AAA . 
C 3 HOH 45 245 3  HOH HOH AAA . 
C 3 HOH 46 246 36 HOH HOH AAA . 
C 3 HOH 47 247 25 HOH HOH AAA . 
C 3 HOH 48 248 21 HOH HOH AAA . 
C 3 HOH 49 249 27 HOH HOH AAA . 
C 3 HOH 50 250 28 HOH HOH AAA . 
C 3 HOH 51 251 37 HOH HOH AAA . 
C 3 HOH 52 252 45 HOH HOH AAA . 
C 3 HOH 53 253 40 HOH HOH AAA . 
C 3 HOH 54 254 4  HOH HOH AAA . 
# 
loop_
_software.citation_id 
_software.classification 
_software.compiler_name 
_software.compiler_version 
_software.contact_author 
_software.contact_author_email 
_software.date 
_software.description 
_software.dependencies 
_software.hardware 
_software.language 
_software.location 
_software.mods 
_software.name 
_software.os 
_software.os_version 
_software.type 
_software.version 
_software.pdbx_ordinal 
? refinement       ? ? ? ? ? ? ? ? ? ? ? REFMAC ? ? ? 5.8.0267 1 
? 'data reduction' ? ? ? ? ? ? ? ? ? ? ? DIALS  ? ? ? .        2 
? 'data scaling'   ? ? ? ? ? ? ? ? ? ? ? DIALS  ? ? ? .        3 
? phasing          ? ? ? ? ? ? ? ? ? ? ? PHASER ? ? ? .        4 
# 
_cell.angle_alpha                  90.000 
_cell.angle_alpha_esd              ? 
_cell.angle_beta                   90.000 
_cell.angle_beta_esd               ? 
_cell.angle_gamma                  120.000 
_cell.angle_gamma_esd              ? 
_cell.entry_id                     8FEQ 
_cell.details                      ? 
_cell.formula_units_Z              ? 
_cell.length_a                     41.261 
_cell.length_a_esd                 ? 
_cell.length_b                     41.261 
_cell.length_b_esd                 ? 
_cell.length_c                     124.239 
_cell.length_c_esd                 ? 
_cell.volume                       ? 
_cell.volume_esd                   ? 
_cell.Z_PDB                        18 
_cell.reciprocal_angle_alpha       ? 
_cell.reciprocal_angle_beta        ? 
_cell.reciprocal_angle_gamma       ? 
_cell.reciprocal_angle_alpha_esd   ? 
_cell.reciprocal_angle_beta_esd    ? 
_cell.reciprocal_angle_gamma_esd   ? 
_cell.reciprocal_length_a          ? 
_cell.reciprocal_length_b          ? 
_cell.reciprocal_length_c          ? 
_cell.reciprocal_length_a_esd      ? 
_cell.reciprocal_length_b_esd      ? 
_cell.reciprocal_length_c_esd      ? 
_cell.pdbx_unique_axis             ? 
_cell.pdbx_esd_method              ? 
# 
_symmetry.entry_id                         8FEQ 
_symmetry.cell_setting                     ? 
_symmetry.Int_Tables_number                155 
_symmetry.space_group_name_Hall            ? 
_symmetry.space_group_name_H-M             'H 3 2' 
_symmetry.pdbx_full_space_group_name_H-M   ? 
# 
_exptl.absorpt_coefficient_mu     ? 
_exptl.absorpt_correction_T_max   ? 
_exptl.absorpt_correction_T_min   ? 
_exptl.absorpt_correction_type    ? 
_exptl.absorpt_process_details    ? 
_exptl.entry_id                   8FEQ 
_exptl.crystals_number            1 
_exptl.details                    ? 
_exptl.method                     'X-RAY DIFFRACTION' 
_exptl.method_details             ? 
# 
_exptl_crystal.colour                       ? 
_exptl_crystal.density_diffrn               ? 
_exptl_crystal.density_Matthews             2.00 
_exptl_crystal.density_method               ? 
_exptl_crystal.density_percent_sol          38.45 
_exptl_crystal.description                  ? 
_exptl_crystal.F_000                        ? 
_exptl_crystal.id                           1 
_exptl_crystal.preparation                  ? 
_exptl_crystal.size_max                     ? 
_exptl_crystal.size_mid                     ? 
_exptl_crystal.size_min                     ? 
_exptl_crystal.size_rad                     ? 
_exptl_crystal.colour_lustre                ? 
_exptl_crystal.colour_modifier              ? 
_exptl_crystal.colour_primary               ? 
_exptl_crystal.density_meas                 ? 
_exptl_crystal.density_meas_esd             ? 
_exptl_crystal.density_meas_gt              ? 
_exptl_crystal.density_meas_lt              ? 
_exptl_crystal.density_meas_temp            ? 
_exptl_crystal.density_meas_temp_esd        ? 
_exptl_crystal.density_meas_temp_gt         ? 
_exptl_crystal.density_meas_temp_lt         ? 
_exptl_crystal.pdbx_crystal_image_url       ? 
_exptl_crystal.pdbx_crystal_image_format    ? 
_exptl_crystal.pdbx_mosaicity               ? 
_exptl_crystal.pdbx_mosaicity_esd           ? 
_exptl_crystal.pdbx_mosaic_method           ? 
_exptl_crystal.pdbx_mosaic_block_size       ? 
_exptl_crystal.pdbx_mosaic_block_size_esd   ? 
# 
_exptl_crystal_grow.apparatus       ? 
_exptl_crystal_grow.atmosphere      ? 
_exptl_crystal_grow.crystal_id      1 
_exptl_crystal_grow.details         ? 
_exptl_crystal_grow.method          'VAPOR DIFFUSION, SITTING DROP' 
_exptl_crystal_grow.method_ref      ? 
_exptl_crystal_grow.pH              6.0 
_exptl_crystal_grow.pressure        ? 
_exptl_crystal_grow.pressure_esd    ? 
_exptl_crystal_grow.seeding         ? 
_exptl_crystal_grow.seeding_ref     ? 
_exptl_crystal_grow.temp_details    ? 
_exptl_crystal_grow.temp_esd        ? 
_exptl_crystal_grow.time            ? 
_exptl_crystal_grow.pdbx_details    
;0.075 M Sodium chloride, 0.002 M Calcium chloride dihydrate, 0.05 M Sodium cacodylate trihydrate pH 6.0, 30% w/v 1,6 Hexanediol, 0.0005 M Spermine
;
_exptl_crystal_grow.pdbx_pH_range   ? 
_exptl_crystal_grow.temp            293 
# 
_diffrn.ambient_environment              ? 
_diffrn.ambient_temp                     100 
_diffrn.ambient_temp_details             ? 
_diffrn.ambient_temp_esd                 ? 
_diffrn.crystal_id                       1 
_diffrn.crystal_support                  ? 
_diffrn.crystal_treatment                ? 
_diffrn.details                          ? 
_diffrn.id                               1 
_diffrn.ambient_pressure                 ? 
_diffrn.ambient_pressure_esd             ? 
_diffrn.ambient_pressure_gt              ? 
_diffrn.ambient_pressure_lt              ? 
_diffrn.ambient_temp_gt                  ? 
_diffrn.ambient_temp_lt                  ? 
_diffrn.pdbx_serial_crystal_experiment   N 
# 
_diffrn_detector.details                      ? 
_diffrn_detector.detector                     PIXEL 
_diffrn_detector.diffrn_id                    1 
_diffrn_detector.type                         'DECTRIS PILATUS3 6M' 
_diffrn_detector.area_resol_mean              ? 
_diffrn_detector.dtime                        ? 
_diffrn_detector.pdbx_frames_total            ? 
_diffrn_detector.pdbx_collection_time_total   ? 
_diffrn_detector.pdbx_collection_date         2022-09-14 
_diffrn_detector.pdbx_frequency               ? 
# 
_diffrn_radiation.collimation                      ? 
_diffrn_radiation.diffrn_id                        1 
_diffrn_radiation.filter_edge                      ? 
_diffrn_radiation.inhomogeneity                    ? 
_diffrn_radiation.monochromator                    ? 
_diffrn_radiation.polarisn_norm                    ? 
_diffrn_radiation.polarisn_ratio                   ? 
_diffrn_radiation.probe                            ? 
_diffrn_radiation.type                             ? 
_diffrn_radiation.xray_symbol                      ? 
_diffrn_radiation.wavelength_id                    1 
_diffrn_radiation.pdbx_monochromatic_or_laue_m_l   M 
_diffrn_radiation.pdbx_wavelength_list             ? 
_diffrn_radiation.pdbx_wavelength                  ? 
_diffrn_radiation.pdbx_diffrn_protocol             'SINGLE WAVELENGTH' 
_diffrn_radiation.pdbx_analyzer                    ? 
_diffrn_radiation.pdbx_scattering_type             x-ray 
# 
_diffrn_radiation_wavelength.id           1 
_diffrn_radiation_wavelength.wavelength   1.037690 
_diffrn_radiation_wavelength.wt           1.0 
# 
_diffrn_source.current                     ? 
_diffrn_source.details                     ? 
_diffrn_source.diffrn_id                   1 
_diffrn_source.power                       ? 
_diffrn_source.size                        ? 
_diffrn_source.source                      SYNCHROTRON 
_diffrn_source.target                      ? 
_diffrn_source.type                        'ALS BEAMLINE 2.0.1' 
_diffrn_source.voltage                     ? 
_diffrn_source.take-off_angle              ? 
_diffrn_source.pdbx_wavelength_list        1.037690 
_diffrn_source.pdbx_wavelength             ? 
_diffrn_source.pdbx_synchrotron_beamline   2.0.1 
_diffrn_source.pdbx_synchrotron_site       ALS 
# 
_reflns.B_iso_Wilson_estimate                          ? 
_reflns.entry_id                                       8FEQ 
_reflns.data_reduction_details                         ? 
_reflns.data_reduction_method                          ? 
_reflns.d_resolution_high                              1.50 
_reflns.d_resolution_low                               31 
_reflns.details                                        ? 
_reflns.limit_h_max                                    ? 
_reflns.limit_h_min                                    ? 
_reflns.limit_k_max                                    ? 
_reflns.limit_k_min                                    ? 
_reflns.limit_l_max                                    ? 
_reflns.limit_l_min                                    ? 
_reflns.number_all                                     ? 
_reflns.number_obs                                     6853 
_reflns.observed_criterion                             ? 
_reflns.observed_criterion_F_max                       ? 
_reflns.observed_criterion_F_min                       ? 
_reflns.observed_criterion_I_max                       ? 
_reflns.observed_criterion_I_min                       ? 
_reflns.observed_criterion_sigma_F                     ? 
_reflns.observed_criterion_sigma_I                     ? 
_reflns.percent_possible_obs                           100 
_reflns.R_free_details                                 ? 
_reflns.Rmerge_F_all                                   ? 
_reflns.Rmerge_F_obs                                   ? 
_reflns.Friedel_coverage                               ? 
_reflns.number_gt                                      ? 
_reflns.threshold_expression                           ? 
_reflns.pdbx_redundancy                                8.7 
_reflns.pdbx_netI_over_av_sigmaI                       ? 
_reflns.pdbx_netI_over_sigmaI                          14.2 
_reflns.pdbx_res_netI_over_av_sigmaI_2                 ? 
_reflns.pdbx_res_netI_over_sigmaI_2                    ? 
_reflns.pdbx_chi_squared                               ? 
_reflns.pdbx_scaling_rejects                           ? 
_reflns.pdbx_d_res_high_opt                            ? 
_reflns.pdbx_d_res_low_opt                             ? 
_reflns.pdbx_d_res_opt_method                          ? 
_reflns.phase_calculation_details                      ? 
_reflns.pdbx_Rrim_I_all                                0.082 
_reflns.pdbx_Rpim_I_all                                0.029 
_reflns.pdbx_d_opt                                     ? 
_reflns.pdbx_number_measured_all                       ? 
_reflns.pdbx_diffrn_id                                 1 
_reflns.pdbx_ordinal                                   1 
_reflns.pdbx_CC_half                                   0.998 
_reflns.pdbx_CC_star                                   ? 
_reflns.pdbx_R_split                                   ? 
_reflns.pdbx_Rmerge_I_obs                              0.077 
_reflns.pdbx_Rmerge_I_all                              ? 
_reflns.pdbx_Rsym_value                                ? 
_reflns.pdbx_CC_split_method                           ? 
_reflns.pdbx_aniso_diffraction_limit_axis_1_ortho[1]   ? 
_reflns.pdbx_aniso_diffraction_limit_axis_1_ortho[2]   ? 
_reflns.pdbx_aniso_diffraction_limit_axis_1_ortho[3]   ? 
_reflns.pdbx_aniso_diffraction_limit_axis_2_ortho[1]   ? 
_reflns.pdbx_aniso_diffraction_limit_axis_2_ortho[2]   ? 
_reflns.pdbx_aniso_diffraction_limit_axis_2_ortho[3]   ? 
_reflns.pdbx_aniso_diffraction_limit_axis_3_ortho[1]   ? 
_reflns.pdbx_aniso_diffraction_limit_axis_3_ortho[2]   ? 
_reflns.pdbx_aniso_diffraction_limit_axis_3_ortho[3]   ? 
_reflns.pdbx_aniso_diffraction_limit_1                 ? 
_reflns.pdbx_aniso_diffraction_limit_2                 ? 
_reflns.pdbx_aniso_diffraction_limit_3                 ? 
_reflns.pdbx_aniso_B_tensor_eigenvector_1_ortho[1]     ? 
_reflns.pdbx_aniso_B_tensor_eigenvector_1_ortho[2]     ? 
_reflns.pdbx_aniso_B_tensor_eigenvector_1_ortho[3]     ? 
_reflns.pdbx_aniso_B_tensor_eigenvector_2_ortho[1]     ? 
_reflns.pdbx_aniso_B_tensor_eigenvector_2_ortho[2]     ? 
_reflns.pdbx_aniso_B_tensor_eigenvector_2_ortho[3]     ? 
_reflns.pdbx_aniso_B_tensor_eigenvector_3_ortho[1]     ? 
_reflns.pdbx_aniso_B_tensor_eigenvector_3_ortho[2]     ? 
_reflns.pdbx_aniso_B_tensor_eigenvector_3_ortho[3]     ? 
_reflns.pdbx_aniso_B_tensor_eigenvalue_1               ? 
_reflns.pdbx_aniso_B_tensor_eigenvalue_2               ? 
_reflns.pdbx_aniso_B_tensor_eigenvalue_3               ? 
_reflns.pdbx_orthogonalization_convention              ? 
_reflns.pdbx_percent_possible_ellipsoidal              ? 
_reflns.pdbx_percent_possible_spherical                ? 
_reflns.pdbx_percent_possible_ellipsoidal_anomalous    ? 
_reflns.pdbx_percent_possible_spherical_anomalous      ? 
_reflns.pdbx_redundancy_anomalous                      ? 
_reflns.pdbx_CC_half_anomalous                         ? 
_reflns.pdbx_absDiff_over_sigma_anomalous              ? 
_reflns.pdbx_percent_possible_anomalous                ? 
_reflns.pdbx_observed_signal_threshold                 ? 
_reflns.pdbx_signal_type                               ? 
_reflns.pdbx_signal_details                            ? 
_reflns.pdbx_signal_software_id                        ? 
# 
_reflns_shell.d_res_high                                    1.50 
_reflns_shell.d_res_low                                     1.53 
_reflns_shell.meanI_over_sigI_all                           ? 
_reflns_shell.meanI_over_sigI_obs                           2.3 
_reflns_shell.number_measured_all                           ? 
_reflns_shell.number_measured_obs                           ? 
_reflns_shell.number_possible                               ? 
_reflns_shell.number_unique_all                             ? 
_reflns_shell.number_unique_obs                             352 
_reflns_shell.percent_possible_obs                          ? 
_reflns_shell.Rmerge_F_all                                  ? 
_reflns_shell.Rmerge_F_obs                                  ? 
_reflns_shell.meanI_over_sigI_gt                            ? 
_reflns_shell.meanI_over_uI_all                             ? 
_reflns_shell.meanI_over_uI_gt                              ? 
_reflns_shell.number_measured_gt                            ? 
_reflns_shell.number_unique_gt                              ? 
_reflns_shell.percent_possible_gt                           ? 
_reflns_shell.Rmerge_F_gt                                   ? 
_reflns_shell.Rmerge_I_gt                                   ? 
_reflns_shell.pdbx_redundancy                               9.0 
_reflns_shell.pdbx_chi_squared                              ? 
_reflns_shell.pdbx_netI_over_sigmaI_all                     ? 
_reflns_shell.pdbx_netI_over_sigmaI_obs                     ? 
_reflns_shell.pdbx_Rrim_I_all                               0.249 
_reflns_shell.pdbx_Rpim_I_all                               0.081 
_reflns_shell.pdbx_rejects                                  ? 
_reflns_shell.pdbx_ordinal                                  1 
_reflns_shell.pdbx_diffrn_id                                1 
_reflns_shell.pdbx_CC_half                                  0.973 
_reflns_shell.pdbx_CC_star                                  ? 
_reflns_shell.pdbx_R_split                                  ? 
_reflns_shell.percent_possible_all                          100 
_reflns_shell.Rmerge_I_all                                  ? 
_reflns_shell.Rmerge_I_obs                                  0.235 
_reflns_shell.pdbx_Rsym_value                               ? 
_reflns_shell.pdbx_percent_possible_ellipsoidal             ? 
_reflns_shell.pdbx_percent_possible_spherical               ? 
_reflns_shell.pdbx_percent_possible_ellipsoidal_anomalous   ? 
_reflns_shell.pdbx_percent_possible_spherical_anomalous     ? 
_reflns_shell.pdbx_redundancy_anomalous                     ? 
_reflns_shell.pdbx_CC_half_anomalous                        ? 
_reflns_shell.pdbx_absDiff_over_sigma_anomalous             ? 
_reflns_shell.pdbx_percent_possible_anomalous               ? 
# 
_refine.aniso_B[1][1]                            -0.009 
_refine.aniso_B[1][2]                            -0.004 
_refine.aniso_B[1][3]                            0.000 
_refine.aniso_B[2][2]                            -0.009 
_refine.aniso_B[2][3]                            0.000 
_refine.aniso_B[3][3]                            0.028 
_refine.B_iso_max                                ? 
_refine.B_iso_mean                               18.188 
_refine.B_iso_min                                ? 
_refine.correlation_coeff_Fo_to_Fc               0.971 
_refine.correlation_coeff_Fo_to_Fc_free          0.965 
_refine.details                                  'Hydrogens have been added in their riding positions' 
_refine.diff_density_max                         ? 
_refine.diff_density_max_esd                     ? 
_refine.diff_density_min                         ? 
_refine.diff_density_min_esd                     ? 
_refine.diff_density_rms                         ? 
_refine.diff_density_rms_esd                     ? 
_refine.entry_id                                 8FEQ 
_refine.pdbx_refine_id                           'X-RAY DIFFRACTION' 
_refine.ls_abs_structure_details                 ? 
_refine.ls_abs_structure_Flack                   ? 
_refine.ls_abs_structure_Flack_esd               ? 
_refine.ls_abs_structure_Rogers                  ? 
_refine.ls_abs_structure_Rogers_esd              ? 
_refine.ls_d_res_high                            1.500 
_refine.ls_d_res_low                             30.993 
_refine.ls_extinction_coef                       ? 
_refine.ls_extinction_coef_esd                   ? 
_refine.ls_extinction_expression                 ? 
_refine.ls_extinction_method                     ? 
_refine.ls_goodness_of_fit_all                   ? 
_refine.ls_goodness_of_fit_all_esd               ? 
_refine.ls_goodness_of_fit_obs                   ? 
_refine.ls_goodness_of_fit_obs_esd               ? 
_refine.ls_hydrogen_treatment                    ? 
_refine.ls_matrix_type                           ? 
_refine.ls_number_constraints                    ? 
_refine.ls_number_parameters                     ? 
_refine.ls_number_reflns_all                     ? 
_refine.ls_number_reflns_obs                     6848 
_refine.ls_number_reflns_R_free                  328 
_refine.ls_number_reflns_R_work                  6520 
_refine.ls_number_restraints                     ? 
_refine.ls_percent_reflns_obs                    99.883 
_refine.ls_percent_reflns_R_free                 4.790 
_refine.ls_R_factor_all                          0.179 
_refine.ls_R_factor_obs                          ? 
_refine.ls_R_factor_R_free                       0.2103 
_refine.ls_R_factor_R_free_error                 ? 
_refine.ls_R_factor_R_free_error_details         ? 
_refine.ls_R_factor_R_work                       0.1774 
_refine.ls_R_Fsqd_factor_obs                     ? 
_refine.ls_R_I_factor_obs                        ? 
_refine.ls_redundancy_reflns_all                 ? 
_refine.ls_redundancy_reflns_obs                 ? 
_refine.ls_restrained_S_all                      ? 
_refine.ls_restrained_S_obs                      ? 
_refine.ls_shift_over_esd_max                    ? 
_refine.ls_shift_over_esd_mean                   ? 
_refine.ls_structure_factor_coef                 ? 
_refine.ls_weighting_details                     ? 
_refine.ls_weighting_scheme                      ? 
_refine.ls_wR_factor_all                         ? 
_refine.ls_wR_factor_obs                         ? 
_refine.ls_wR_factor_R_free                      ? 
_refine.ls_wR_factor_R_work                      ? 
_refine.occupancy_max                            ? 
_refine.occupancy_min                            ? 
_refine.solvent_model_details                    'MASK BULK SOLVENT' 
_refine.solvent_model_param_bsol                 ? 
_refine.solvent_model_param_ksol                 ? 
_refine.pdbx_R_complete                          ? 
_refine.ls_R_factor_gt                           ? 
_refine.ls_goodness_of_fit_gt                    ? 
_refine.ls_goodness_of_fit_ref                   ? 
_refine.ls_shift_over_su_max                     ? 
_refine.ls_shift_over_su_max_lt                  ? 
_refine.ls_shift_over_su_mean                    ? 
_refine.ls_shift_over_su_mean_lt                 ? 
_refine.pdbx_ls_sigma_I                          ? 
_refine.pdbx_ls_sigma_F                          ? 
_refine.pdbx_ls_sigma_Fsqd                       ? 
_refine.pdbx_data_cutoff_high_absF               ? 
_refine.pdbx_data_cutoff_high_rms_absF           ? 
_refine.pdbx_data_cutoff_low_absF                ? 
_refine.pdbx_isotropic_thermal_model             ? 
_refine.pdbx_ls_cross_valid_method               THROUGHOUT 
_refine.pdbx_method_to_determine_struct          'MOLECULAR REPLACEMENT' 
_refine.pdbx_starting_model                      ? 
_refine.pdbx_stereochemistry_target_values       ? 
_refine.pdbx_R_Free_selection_details            ? 
_refine.pdbx_stereochem_target_val_spec_case     ? 
_refine.pdbx_overall_ESU_R                       0.076 
_refine.pdbx_overall_ESU_R_Free                  0.078 
_refine.pdbx_solvent_vdw_probe_radii             1.200 
_refine.pdbx_solvent_ion_probe_radii             0.800 
_refine.pdbx_solvent_shrinkage_radii             0.800 
_refine.pdbx_real_space_R                        ? 
_refine.pdbx_density_correlation                 ? 
_refine.pdbx_pd_number_of_powder_patterns        ? 
_refine.pdbx_pd_number_of_points                 ? 
_refine.pdbx_pd_meas_number_of_points            ? 
_refine.pdbx_pd_proc_ls_prof_R_factor            ? 
_refine.pdbx_pd_proc_ls_prof_wR_factor           ? 
_refine.pdbx_pd_Marquardt_correlation_coeff      ? 
_refine.pdbx_pd_Fsqrd_R_factor                   ? 
_refine.pdbx_pd_ls_matrix_band_width             ? 
_refine.pdbx_overall_phase_error                 ? 
_refine.pdbx_overall_SU_R_free_Cruickshank_DPI   ? 
_refine.pdbx_overall_SU_R_free_Blow_DPI          ? 
_refine.pdbx_overall_SU_R_Blow_DPI               ? 
_refine.pdbx_TLS_residual_ADP_flag               ? 
_refine.pdbx_diffrn_id                           1 
_refine.overall_SU_B                             1.502 
_refine.overall_SU_ML                            0.055 
_refine.overall_SU_R_Cruickshank_DPI             ? 
_refine.overall_SU_R_free                        ? 
_refine.overall_FOM_free_R_set                   ? 
_refine.overall_FOM_work_R_set                   ? 
_refine.pdbx_average_fsc_overall                 ? 
_refine.pdbx_average_fsc_work                    ? 
_refine.pdbx_average_fsc_free                    ? 
# 
_refine_hist.pdbx_refine_id                   'X-RAY DIFFRACTION' 
_refine_hist.cycle_id                         LAST 
_refine_hist.details                          ? 
_refine_hist.d_res_high                       1.500 
_refine_hist.d_res_low                        30.993 
_refine_hist.number_atoms_solvent             54 
_refine_hist.number_atoms_total               389 
_refine_hist.number_reflns_all                ? 
_refine_hist.number_reflns_obs                ? 
_refine_hist.number_reflns_R_free             ? 
_refine_hist.number_reflns_R_work             ? 
_refine_hist.R_factor_all                     ? 
_refine_hist.R_factor_obs                     ? 
_refine_hist.R_factor_R_free                  ? 
_refine_hist.R_factor_R_work                  ? 
_refine_hist.pdbx_number_residues_total       ? 
_refine_hist.pdbx_B_iso_mean_ligand           ? 
_refine_hist.pdbx_B_iso_mean_solvent          ? 
_refine_hist.pdbx_number_atoms_protein        0 
_refine_hist.pdbx_number_atoms_nucleic_acid   334 
_refine_hist.pdbx_number_atoms_ligand         1 
_refine_hist.pdbx_number_atoms_lipid          ? 
_refine_hist.pdbx_number_atoms_carb           ? 
_refine_hist.pdbx_pseudo_atom_details         ? 
# 
loop_
_refine_ls_restr.pdbx_refine_id 
_refine_ls_restr.criterion 
_refine_ls_restr.dev_ideal 
_refine_ls_restr.dev_ideal_target 
_refine_ls_restr.number 
_refine_ls_restr.rejects 
_refine_ls_restr.type 
_refine_ls_restr.weight 
_refine_ls_restr.pdbx_restraint_function 
'X-RAY DIFFRACTION' ? 0.021 0.013  373 ? r_bond_refined_d               ? ? 
'X-RAY DIFFRACTION' ? 0.044 0.020  161 ? r_bond_other_d                 ? ? 
'X-RAY DIFFRACTION' ? 2.577 1.909  561 ? r_angle_refined_deg            ? ? 
'X-RAY DIFFRACTION' ? 3.968 1.923  389 ? r_angle_other_deg              ? ? 
'X-RAY DIFFRACTION' ? 0.196 0.200  75  ? r_chiral_restr                 ? ? 
'X-RAY DIFFRACTION' ? 2.519 0.200  4   ? r_chiral_restr_other           ? ? 
'X-RAY DIFFRACTION' ? 0.026 0.020  181 ? r_gen_planes_refined           ? ? 
'X-RAY DIFFRACTION' ? 0.001 0.020  58  ? r_gen_planes_other             ? ? 
'X-RAY DIFFRACTION' ? 0.109 0.200  28  ? r_nbd_refined                  ? ? 
'X-RAY DIFFRACTION' ? 0.207 0.200  164 ? r_symmetry_nbd_other           ? ? 
'X-RAY DIFFRACTION' ? 0.238 0.200  144 ? r_nbtor_refined                ? ? 
'X-RAY DIFFRACTION' ? 0.092 0.200  92  ? r_symmetry_nbtor_other         ? ? 
'X-RAY DIFFRACTION' ? 0.103 0.200  22  ? r_xyhbond_nbd_refined          ? ? 
'X-RAY DIFFRACTION' ? 0.006 0.200  1   ? r_metal_ion_refined            ? ? 
'X-RAY DIFFRACTION' ? 0.202 0.200  19  ? r_symmetry_nbd_refined         ? ? 
'X-RAY DIFFRACTION' ? 0.382 0.200  38  ? r_nbd_other                    ? ? 
'X-RAY DIFFRACTION' ? 0.108 0.200  14  ? r_symmetry_xyhbond_nbd_refined ? ? 
'X-RAY DIFFRACTION' ? 1.552 1.799  372 ? r_scbond_it                    ? ? 
'X-RAY DIFFRACTION' ? 1.550 1.798  373 ? r_scbond_other                 ? ? 
'X-RAY DIFFRACTION' ? 2.012 2.713  560 ? r_scangle_it                   ? ? 
'X-RAY DIFFRACTION' ? 2.010 2.713  561 ? r_scangle_other                ? ? 
'X-RAY DIFFRACTION' ? 3.297 17.235 472 ? r_lrange_it                    ? ? 
'X-RAY DIFFRACTION' ? 3.312 17.216 472 ? r_lrange_other                 ? ? 
# 
loop_
_refine_ls_shell.pdbx_refine_id 
_refine_ls_shell.d_res_high 
_refine_ls_shell.d_res_low 
_refine_ls_shell.number_reflns_all 
_refine_ls_shell.number_reflns_obs 
_refine_ls_shell.number_reflns_R_free 
_refine_ls_shell.number_reflns_R_work 
_refine_ls_shell.percent_reflns_obs 
_refine_ls_shell.percent_reflns_R_free 
_refine_ls_shell.R_factor_all 
_refine_ls_shell.R_factor_obs 
_refine_ls_shell.R_factor_R_free_error 
_refine_ls_shell.R_factor_R_work 
_refine_ls_shell.redundancy_reflns_all 
_refine_ls_shell.redundancy_reflns_obs 
_refine_ls_shell.wR_factor_all 
_refine_ls_shell.wR_factor_obs 
_refine_ls_shell.wR_factor_R_free 
_refine_ls_shell.wR_factor_R_work 
_refine_ls_shell.pdbx_R_complete 
_refine_ls_shell.pdbx_total_number_of_bins_used 
_refine_ls_shell.pdbx_phase_error 
_refine_ls_shell.pdbx_fsc_work 
_refine_ls_shell.pdbx_fsc_free 
_refine_ls_shell.R_factor_R_free 
'X-RAY DIFFRACTION' 1.500 1.539  . . 23 500 99.8092  . . . . 0.224 . . . . . . . . . . . 0.229 
'X-RAY DIFFRACTION' 1.539 1.581  . . 19 449 99.5745  . . . . 0.207 . . . . . . . . . . . 0.250 
'X-RAY DIFFRACTION' 1.581 1.627  . . 25 432 100.0000 . . . . 0.213 . . . . . . . . . . . 0.224 
'X-RAY DIFFRACTION' 1.627 1.677  . . 28 422 100.0000 . . . . 0.170 . . . . . . . . . . . 0.194 
'X-RAY DIFFRACTION' 1.677 1.732  . . 17 437 100.0000 . . . . 0.169 . . . . . . . . . . . 0.240 
'X-RAY DIFFRACTION' 1.732 1.793  . . 22 418 100.0000 . . . . 0.161 . . . . . . . . . . . 0.271 
'X-RAY DIFFRACTION' 1.793 1.860  . . 19 388 100.0000 . . . . 0.176 . . . . . . . . . . . 0.197 
'X-RAY DIFFRACTION' 1.860 1.936  . . 24 365 99.4885  . . . . 0.175 . . . . . . . . . . . 0.204 
'X-RAY DIFFRACTION' 1.936 2.022  . . 18 360 100.0000 . . . . 0.177 . . . . . . . . . . . 0.229 
'X-RAY DIFFRACTION' 2.022 2.120  . . 17 361 100.0000 . . . . 0.181 . . . . . . . . . . . 0.224 
'X-RAY DIFFRACTION' 2.120 2.235  . . 17 330 100.0000 . . . . 0.189 . . . . . . . . . . . 0.263 
'X-RAY DIFFRACTION' 2.235 2.370  . . 19 321 100.0000 . . . . 0.168 . . . . . . . . . . . 0.249 
'X-RAY DIFFRACTION' 2.370 2.533  . . 13 308 100.0000 . . . . 0.199 . . . . . . . . . . . 0.316 
'X-RAY DIFFRACTION' 2.533 2.735  . . 18 280 100.0000 . . . . 0.208 . . . . . . . . . . . 0.215 
'X-RAY DIFFRACTION' 2.735 2.995  . . 13 263 100.0000 . . . . 0.189 . . . . . . . . . . . 0.238 
'X-RAY DIFFRACTION' 2.995 3.346  . . 5  237 100.0000 . . . . 0.158 . . . . . . . . . . . 0.182 
'X-RAY DIFFRACTION' 3.346 3.859  . . 12 213 100.0000 . . . . 0.160 . . . . . . . . . . . 0.215 
'X-RAY DIFFRACTION' 3.859 4.716  . . 12 187 100.0000 . . . . 0.153 . . . . . . . . . . . 0.123 
'X-RAY DIFFRACTION' 4.716 6.627  . . 4  150 99.3548  . . . . 0.161 . . . . . . . . . . . 0.335 
'X-RAY DIFFRACTION' 6.627 30.993 . . 3  99  98.0769  . . . . 0.207 . . . . . . . . . . . 0.045 
# 
_struct.entry_id                     8FEQ 
_struct.title                        '16mer self-complementary duplex RNA with two separated s(2)U:s(2)U pairs' 
_struct.pdbx_model_details           ? 
_struct.pdbx_formula_weight          ? 
_struct.pdbx_formula_weight_method   ? 
_struct.pdbx_model_type_details      ? 
_struct.pdbx_CASP_flag               N 
# 
_struct_keywords.entry_id        8FEQ 
_struct_keywords.text            'RNA, Duplexes, UU pairs, 2-thio-U' 
_struct_keywords.pdbx_keywords   RNA 
# 
loop_
_struct_asym.id 
_struct_asym.pdbx_blank_PDB_chainid_flag 
_struct_asym.pdbx_modified 
_struct_asym.entity_id 
_struct_asym.details 
A N N 1 ? 
B N N 2 ? 
C N N 3 ? 
# 
_struct_ref.id                         1 
_struct_ref.db_name                    PDB 
_struct_ref.db_code                    8FEQ 
_struct_ref.pdbx_db_accession          8FEQ 
_struct_ref.pdbx_db_isoform            ? 
_struct_ref.entity_id                  1 
_struct_ref.pdbx_seq_one_letter_code   ? 
_struct_ref.pdbx_align_begin           1 
# 
_struct_ref_seq.align_id                      1 
_struct_ref_seq.ref_id                        1 
_struct_ref_seq.pdbx_PDB_id_code              8FEQ 
_struct_ref_seq.pdbx_strand_id                AAA 
_struct_ref_seq.seq_align_beg                 1 
_struct_ref_seq.pdbx_seq_align_beg_ins_code   ? 
_struct_ref_seq.seq_align_end                 16 
_struct_ref_seq.pdbx_seq_align_end_ins_code   ? 
_struct_ref_seq.pdbx_db_accession             8FEQ 
_struct_ref_seq.db_align_beg                  1 
_struct_ref_seq.pdbx_db_align_beg_ins_code    ? 
_struct_ref_seq.db_align_end                  16 
_struct_ref_seq.pdbx_db_align_end_ins_code    ? 
_struct_ref_seq.pdbx_auth_seq_align_beg       1 
_struct_ref_seq.pdbx_auth_seq_align_end       16 
# 
_pdbx_struct_assembly.id                   1 
_pdbx_struct_assembly.details              author_and_software_defined_assembly 
_pdbx_struct_assembly.method_details       PISA 
_pdbx_struct_assembly.oligomeric_details   dimeric 
_pdbx_struct_assembly.oligomeric_count     2 
# 
loop_
_pdbx_struct_assembly_prop.biol_id 
_pdbx_struct_assembly_prop.type 
_pdbx_struct_assembly_prop.value 
_pdbx_struct_assembly_prop.details 
1 'ABSA (A^2)' 3940 ? 
1 MORE         -26  ? 
1 'SSA (A^2)'  5410 ? 
# 
_pdbx_struct_assembly_gen.assembly_id       1 
_pdbx_struct_assembly_gen.oper_expression   1,2 
_pdbx_struct_assembly_gen.asym_id_list      A,B,C 
# 
_pdbx_struct_assembly_auth_evidence.id                     1 
_pdbx_struct_assembly_auth_evidence.assembly_id            1 
_pdbx_struct_assembly_auth_evidence.experimental_support   none 
_pdbx_struct_assembly_auth_evidence.details                ? 
# 
loop_
_pdbx_struct_oper_list.id 
_pdbx_struct_oper_list.type 
_pdbx_struct_oper_list.name 
_pdbx_struct_oper_list.symmetry_operation 
_pdbx_struct_oper_list.matrix[1][1] 
_pdbx_struct_oper_list.matrix[1][2] 
_pdbx_struct_oper_list.matrix[1][3] 
_pdbx_struct_oper_list.vector[1] 
_pdbx_struct_oper_list.matrix[2][1] 
_pdbx_struct_oper_list.matrix[2][2] 
_pdbx_struct_oper_list.matrix[2][3] 
_pdbx_struct_oper_list.vector[2] 
_pdbx_struct_oper_list.matrix[3][1] 
_pdbx_struct_oper_list.matrix[3][2] 
_pdbx_struct_oper_list.matrix[3][3] 
_pdbx_struct_oper_list.vector[3] 
1 'identity operation'         1_555 x,y,z  1.0000000000  0.0000000000 0.0000000000 0.0000000000  0.0000000000 1.0000000000 0.0000000000 0.0000000000  0.0000000000 0.0000000000 1.0000000000  0.0000000000 
2 'crystal symmetry operation' 4_555 y,x,-z -0.0811397046 0.9832427531 0.1632483899 -0.3533066762 0.9832427531 0.0521363437 0.1746868345 -0.3504231661 0.1632483899 0.1746868345 -0.9709966390 4.0992166358 
# 
loop_
_struct_conn.id 
_struct_conn.conn_type_id 
_struct_conn.pdbx_leaving_atom_flag 
_struct_conn.pdbx_PDB_id 
_struct_conn.ptnr1_label_asym_id 
_struct_conn.ptnr1_label_comp_id 
_struct_conn.ptnr1_label_seq_id 
_struct_conn.ptnr1_label_atom_id 
_struct_conn.pdbx_ptnr1_label_alt_id 
_struct_conn.pdbx_ptnr1_PDB_ins_code 
_struct_conn.pdbx_ptnr1_standard_comp_id 
_struct_conn.ptnr1_symmetry 
_struct_conn.ptnr2_label_asym_id 
_struct_conn.ptnr2_label_comp_id 
_struct_conn.ptnr2_label_seq_id 
_struct_conn.ptnr2_label_atom_id 
_struct_conn.pdbx_ptnr2_label_alt_id 
_struct_conn.pdbx_ptnr2_PDB_ins_code 
_struct_conn.ptnr1_auth_asym_id 
_struct_conn.ptnr1_auth_comp_id 
_struct_conn.ptnr1_auth_seq_id 
_struct_conn.ptnr2_auth_asym_id 
_struct_conn.ptnr2_auth_comp_id 
_struct_conn.ptnr2_auth_seq_id 
_struct_conn.ptnr2_symmetry 
_struct_conn.pdbx_ptnr3_label_atom_id 
_struct_conn.pdbx_ptnr3_label_seq_id 
_struct_conn.pdbx_ptnr3_label_comp_id 
_struct_conn.pdbx_ptnr3_label_asym_id 
_struct_conn.pdbx_ptnr3_label_alt_id 
_struct_conn.pdbx_ptnr3_PDB_ins_code 
_struct_conn.details 
_struct_conn.pdbx_dist_value 
_struct_conn.pdbx_value_order 
_struct_conn.pdbx_role 
covale1  covale both ? A G   4  "O3'" ? ? ? 1_555 A SUR 5  P  ? ? AAA G   4   AAA SUR 5   1_555 ? ? ? ? ? ? ?                 
1.611 ? ? 
covale2  covale both ? A SUR 5  "O3'" ? ? ? 1_555 A A   6  P  ? ? AAA SUR 5   AAA A   6   1_555 ? ? ? ? ? ? ?                 
1.596 ? ? 
covale3  covale both ? A U   11 "O3'" ? ? ? 1_555 A SUR 12 P  ? ? AAA U   11  AAA SUR 12  1_555 ? ? ? ? ? ? ?                 
1.652 ? ? 
covale4  covale both ? A SUR 12 "O3'" ? ? ? 1_555 A C   13 P  ? ? AAA SUR 12  AAA C   13  1_555 ? ? ? ? ? ? ?                 
1.555 ? ? 
metalc1  metalc ?    ? B CA  .  CA    ? ? ? 1_555 C HOH .  O  ? ? AAA CA  101 AAA HOH 236 1_555 ? ? ? ? ? ? ?                 
2.413 ? ? 
metalc2  metalc ?    ? B CA  .  CA    ? ? ? 1_555 C HOH .  O  ? ? AAA CA  101 AAA HOH 238 1_555 ? ? ? ? ? ? ?                 
2.438 ? ? 
metalc3  metalc ?    ? B CA  .  CA    ? ? ? 1_555 C HOH .  O  ? ? AAA CA  101 AAA HOH 245 1_555 ? ? ? ? ? ? ?                 
2.684 ? ? 
metalc4  metalc ?    ? B CA  .  CA    ? ? ? 1_555 C HOH .  O  ? ? AAA CA  101 AAA HOH 254 4_555 ? ? ? ? ? ? ?                 
2.460 ? ? 
hydrog1  hydrog ?    ? A A   1  N1    ? ? ? 1_555 A U   16 N3 ? ? AAA A   1   AAA U   16  4_555 ? ? ? ? ? ? WATSON-CRICK      ? ? 
? 
hydrog2  hydrog ?    ? A A   1  N6    ? ? ? 1_555 A U   16 O4 ? ? AAA A   1   AAA U   16  4_555 ? ? ? ? ? ? WATSON-CRICK      ? ? 
? 
hydrog3  hydrog ?    ? A G   2  N1    ? ? ? 1_555 A C   15 N3 ? ? AAA G   2   AAA C   15  4_555 ? ? ? ? ? ? WATSON-CRICK      ? ? 
? 
hydrog4  hydrog ?    ? A G   2  N2    ? ? ? 1_555 A C   15 O2 ? ? AAA G   2   AAA C   15  4_555 ? ? ? ? ? ? WATSON-CRICK      ? ? 
? 
hydrog5  hydrog ?    ? A G   2  O6    ? ? ? 1_555 A C   15 N4 ? ? AAA G   2   AAA C   15  4_555 ? ? ? ? ? ? WATSON-CRICK      ? ? 
? 
hydrog6  hydrog ?    ? A A   3  N1    ? ? ? 1_555 A U   14 N3 ? ? AAA A   3   AAA U   14  4_555 ? ? ? ? ? ? WATSON-CRICK      ? ? 
? 
hydrog7  hydrog ?    ? A A   3  N6    ? ? ? 1_555 A U   14 O4 ? ? AAA A   3   AAA U   14  4_555 ? ? ? ? ? ? WATSON-CRICK      ? ? 
? 
hydrog8  hydrog ?    ? A G   4  N1    ? ? ? 1_555 A C   13 N3 ? ? AAA G   4   AAA C   13  4_555 ? ? ? ? ? ? WATSON-CRICK      ? ? 
? 
hydrog9  hydrog ?    ? A G   4  N2    ? ? ? 1_555 A C   13 O2 ? ? AAA G   4   AAA C   13  4_555 ? ? ? ? ? ? WATSON-CRICK      ? ? 
? 
hydrog10 hydrog ?    ? A G   4  O6    ? ? ? 1_555 A C   13 N4 ? ? AAA G   4   AAA C   13  4_555 ? ? ? ? ? ? WATSON-CRICK      ? ? 
? 
hydrog11 hydrog ?    ? A SUR 5  N3    ? ? ? 1_555 A SUR 12 O4 ? ? AAA SUR 5   AAA SUR 12  4_555 ? ? ? ? ? ? 'SUR-SUR MISPAIR' ? ? 
? 
hydrog12 hydrog ?    ? A A   6  N1    ? ? ? 1_555 A U   11 N3 ? ? AAA A   6   AAA U   11  4_555 ? ? ? ? ? ? WATSON-CRICK      ? ? 
? 
hydrog13 hydrog ?    ? A A   6  N6    ? ? ? 1_555 A U   11 O4 ? ? AAA A   6   AAA U   11  4_555 ? ? ? ? ? ? WATSON-CRICK      ? ? 
? 
hydrog14 hydrog ?    ? A G   7  N1    ? ? ? 1_555 A C   10 N3 ? ? AAA G   7   AAA C   10  4_555 ? ? ? ? ? ? WATSON-CRICK      ? ? 
? 
hydrog15 hydrog ?    ? A G   7  N2    ? ? ? 1_555 A C   10 O2 ? ? AAA G   7   AAA C   10  4_555 ? ? ? ? ? ? WATSON-CRICK      ? ? 
? 
hydrog16 hydrog ?    ? A G   7  O6    ? ? ? 1_555 A C   10 N4 ? ? AAA G   7   AAA C   10  4_555 ? ? ? ? ? ? WATSON-CRICK      ? ? 
? 
hydrog17 hydrog ?    ? A A   8  N1    ? ? ? 1_555 A U   9  N3 ? ? AAA A   8   AAA U   9   4_555 ? ? ? ? ? ? WATSON-CRICK      ? ? 
? 
hydrog18 hydrog ?    ? A A   8  N6    ? ? ? 1_555 A U   9  O4 ? ? AAA A   8   AAA U   9   4_555 ? ? ? ? ? ? WATSON-CRICK      ? ? 
? 
hydrog19 hydrog ?    ? A U   9  N3    ? ? ? 1_555 A A   8  N1 ? ? AAA U   9   AAA A   8   4_555 ? ? ? ? ? ? WATSON-CRICK      ? ? 
? 
hydrog20 hydrog ?    ? A U   9  O4    ? ? ? 1_555 A A   8  N6 ? ? AAA U   9   AAA A   8   4_555 ? ? ? ? ? ? WATSON-CRICK      ? ? 
? 
hydrog21 hydrog ?    ? A C   10 N3    ? ? ? 1_555 A G   7  N1 ? ? AAA C   10  AAA G   7   4_555 ? ? ? ? ? ? WATSON-CRICK      ? ? 
? 
hydrog22 hydrog ?    ? A C   10 N4    ? ? ? 1_555 A G   7  O6 ? ? AAA C   10  AAA G   7   4_555 ? ? ? ? ? ? WATSON-CRICK      ? ? 
? 
hydrog23 hydrog ?    ? A C   10 O2    ? ? ? 1_555 A G   7  N2 ? ? AAA C   10  AAA G   7   4_555 ? ? ? ? ? ? WATSON-CRICK      ? ? 
? 
hydrog24 hydrog ?    ? A U   11 N3    ? ? ? 1_555 A A   6  N1 ? ? AAA U   11  AAA A   6   4_555 ? ? ? ? ? ? WATSON-CRICK      ? ? 
? 
hydrog25 hydrog ?    ? A U   11 O4    ? ? ? 1_555 A A   6  N6 ? ? AAA U   11  AAA A   6   4_555 ? ? ? ? ? ? WATSON-CRICK      ? ? 
? 
hydrog26 hydrog ?    ? A SUR 12 O4    ? ? ? 1_555 A SUR 5  N3 ? ? AAA SUR 12  AAA SUR 5   4_555 ? ? ? ? ? ? 'SUR-SUR MISPAIR' ? ? 
? 
hydrog27 hydrog ?    ? A C   13 N3    ? ? ? 1_555 A G   4  N1 ? ? AAA C   13  AAA G   4   4_555 ? ? ? ? ? ? WATSON-CRICK      ? ? 
? 
hydrog28 hydrog ?    ? A C   13 N4    ? ? ? 1_555 A G   4  O6 ? ? AAA C   13  AAA G   4   4_555 ? ? ? ? ? ? WATSON-CRICK      ? ? 
? 
hydrog29 hydrog ?    ? A C   13 O2    ? ? ? 1_555 A G   4  N2 ? ? AAA C   13  AAA G   4   4_555 ? ? ? ? ? ? WATSON-CRICK      ? ? 
? 
hydrog30 hydrog ?    ? A U   14 N3    ? ? ? 1_555 A A   3  N1 ? ? AAA U   14  AAA A   3   4_555 ? ? ? ? ? ? WATSON-CRICK      ? ? 
? 
hydrog31 hydrog ?    ? A U   14 O4    ? ? ? 1_555 A A   3  N6 ? ? AAA U   14  AAA A   3   4_555 ? ? ? ? ? ? WATSON-CRICK      ? ? 
? 
hydrog32 hydrog ?    ? A C   15 N3    ? ? ? 1_555 A G   2  N1 ? ? AAA C   15  AAA G   2   4_555 ? ? ? ? ? ? WATSON-CRICK      ? ? 
? 
hydrog33 hydrog ?    ? A C   15 N4    ? ? ? 1_555 A G   2  O6 ? ? AAA C   15  AAA G   2   4_555 ? ? ? ? ? ? WATSON-CRICK      ? ? 
? 
hydrog34 hydrog ?    ? A C   15 O2    ? ? ? 1_555 A G   2  N2 ? ? AAA C   15  AAA G   2   4_555 ? ? ? ? ? ? WATSON-CRICK      ? ? 
? 
hydrog35 hydrog ?    ? A U   16 N3    ? ? ? 1_555 A A   1  N1 ? ? AAA U   16  AAA A   1   4_555 ? ? ? ? ? ? WATSON-CRICK      ? ? 
? 
hydrog36 hydrog ?    ? A U   16 O4    ? ? ? 1_555 A A   1  N6 ? ? AAA U   16  AAA A   1   4_555 ? ? ? ? ? ? WATSON-CRICK      ? ? 
? 
# 
loop_
_struct_conn_type.id 
_struct_conn_type.criteria 
_struct_conn_type.reference 
covale ? ? 
metalc ? ? 
hydrog ? ? 
# 
loop_
_pdbx_struct_conn_angle.id 
_pdbx_struct_conn_angle.ptnr1_label_atom_id 
_pdbx_struct_conn_angle.ptnr1_label_alt_id 
_pdbx_struct_conn_angle.ptnr1_label_asym_id 
_pdbx_struct_conn_angle.ptnr1_label_comp_id 
_pdbx_struct_conn_angle.ptnr1_label_seq_id 
_pdbx_struct_conn_angle.ptnr1_auth_atom_id 
_pdbx_struct_conn_angle.ptnr1_auth_asym_id 
_pdbx_struct_conn_angle.ptnr1_auth_comp_id 
_pdbx_struct_conn_angle.ptnr1_auth_seq_id 
_pdbx_struct_conn_angle.ptnr1_PDB_ins_code 
_pdbx_struct_conn_angle.ptnr1_symmetry 
_pdbx_struct_conn_angle.ptnr2_label_atom_id 
_pdbx_struct_conn_angle.ptnr2_label_alt_id 
_pdbx_struct_conn_angle.ptnr2_label_asym_id 
_pdbx_struct_conn_angle.ptnr2_label_comp_id 
_pdbx_struct_conn_angle.ptnr2_label_seq_id 
_pdbx_struct_conn_angle.ptnr2_auth_atom_id 
_pdbx_struct_conn_angle.ptnr2_auth_asym_id 
_pdbx_struct_conn_angle.ptnr2_auth_comp_id 
_pdbx_struct_conn_angle.ptnr2_auth_seq_id 
_pdbx_struct_conn_angle.ptnr2_PDB_ins_code 
_pdbx_struct_conn_angle.ptnr2_symmetry 
_pdbx_struct_conn_angle.ptnr3_label_atom_id 
_pdbx_struct_conn_angle.ptnr3_label_alt_id 
_pdbx_struct_conn_angle.ptnr3_label_asym_id 
_pdbx_struct_conn_angle.ptnr3_label_comp_id 
_pdbx_struct_conn_angle.ptnr3_label_seq_id 
_pdbx_struct_conn_angle.ptnr3_auth_atom_id 
_pdbx_struct_conn_angle.ptnr3_auth_asym_id 
_pdbx_struct_conn_angle.ptnr3_auth_comp_id 
_pdbx_struct_conn_angle.ptnr3_auth_seq_id 
_pdbx_struct_conn_angle.ptnr3_PDB_ins_code 
_pdbx_struct_conn_angle.ptnr3_symmetry 
_pdbx_struct_conn_angle.value 
_pdbx_struct_conn_angle.value_esd 
1 O ? C HOH . ? AAA HOH 236 ? 1_555 CA ? B CA . ? AAA CA 101 ? 1_555 O ? C HOH . ? AAA HOH 238 ? 1_555 155.4 ? 
2 O ? C HOH . ? AAA HOH 236 ? 1_555 CA ? B CA . ? AAA CA 101 ? 1_555 O ? C HOH . ? AAA HOH 245 ? 1_555 77.3  ? 
3 O ? C HOH . ? AAA HOH 238 ? 1_555 CA ? B CA . ? AAA CA 101 ? 1_555 O ? C HOH . ? AAA HOH 245 ? 1_555 78.4  ? 
4 O ? C HOH . ? AAA HOH 236 ? 1_555 CA ? B CA . ? AAA CA 101 ? 1_555 O ? C HOH . ? AAA HOH 254 ? 4_555 100.1 ? 
5 O ? C HOH . ? AAA HOH 238 ? 1_555 CA ? B CA . ? AAA CA 101 ? 1_555 O ? C HOH . ? AAA HOH 254 ? 4_555 77.9  ? 
6 O ? C HOH . ? AAA HOH 245 ? 1_555 CA ? B CA . ? AAA CA 101 ? 1_555 O ? C HOH . ? AAA HOH 254 ? 4_555 76.4  ? 
# 
_pdbx_validate_rmsd_bond.id                        1 
_pdbx_validate_rmsd_bond.PDB_model_num             1 
_pdbx_validate_rmsd_bond.auth_atom_id_1            "O5'" 
_pdbx_validate_rmsd_bond.auth_asym_id_1            AAA 
_pdbx_validate_rmsd_bond.auth_comp_id_1            G 
_pdbx_validate_rmsd_bond.auth_seq_id_1             7 
_pdbx_validate_rmsd_bond.PDB_ins_code_1            ? 
_pdbx_validate_rmsd_bond.label_alt_id_1            ? 
_pdbx_validate_rmsd_bond.auth_atom_id_2            "C5'" 
_pdbx_validate_rmsd_bond.auth_asym_id_2            AAA 
_pdbx_validate_rmsd_bond.auth_comp_id_2            G 
_pdbx_validate_rmsd_bond.auth_seq_id_2             7 
_pdbx_validate_rmsd_bond.PDB_ins_code_2            ? 
_pdbx_validate_rmsd_bond.label_alt_id_2            ? 
_pdbx_validate_rmsd_bond.bond_value                1.293 
_pdbx_validate_rmsd_bond.bond_target_value         1.420 
_pdbx_validate_rmsd_bond.bond_deviation            -0.127 
_pdbx_validate_rmsd_bond.bond_standard_deviation   0.009 
_pdbx_validate_rmsd_bond.linker_flag               N 
# 
loop_
_pdbx_validate_rmsd_angle.id 
_pdbx_validate_rmsd_angle.PDB_model_num 
_pdbx_validate_rmsd_angle.auth_atom_id_1 
_pdbx_validate_rmsd_angle.auth_asym_id_1 
_pdbx_validate_rmsd_angle.auth_comp_id_1 
_pdbx_validate_rmsd_angle.auth_seq_id_1 
_pdbx_validate_rmsd_angle.PDB_ins_code_1 
_pdbx_validate_rmsd_angle.label_alt_id_1 
_pdbx_validate_rmsd_angle.auth_atom_id_2 
_pdbx_validate_rmsd_angle.auth_asym_id_2 
_pdbx_validate_rmsd_angle.auth_comp_id_2 
_pdbx_validate_rmsd_angle.auth_seq_id_2 
_pdbx_validate_rmsd_angle.PDB_ins_code_2 
_pdbx_validate_rmsd_angle.label_alt_id_2 
_pdbx_validate_rmsd_angle.auth_atom_id_3 
_pdbx_validate_rmsd_angle.auth_asym_id_3 
_pdbx_validate_rmsd_angle.auth_comp_id_3 
_pdbx_validate_rmsd_angle.auth_seq_id_3 
_pdbx_validate_rmsd_angle.PDB_ins_code_3 
_pdbx_validate_rmsd_angle.label_alt_id_3 
_pdbx_validate_rmsd_angle.angle_value 
_pdbx_validate_rmsd_angle.angle_target_value 
_pdbx_validate_rmsd_angle.angle_deviation 
_pdbx_validate_rmsd_angle.angle_standard_deviation 
_pdbx_validate_rmsd_angle.linker_flag 
1 1 C5    AAA A   3  ? ? N7    AAA A   3  ? ? C8    AAA A 3  ? ? 99.57  103.90 -4.33  0.50 N 
2 1 "C3'" AAA SUR 5  ? ? "O3'" AAA SUR 5  ? ? P     AAA A 6  ? ? 112.25 119.70 -7.45  1.20 Y 
3 1 "O3'" AAA SUR 5  ? ? P     AAA A   6  ? ? OP2   AAA A 6  ? ? 119.75 110.50 9.25   1.10 Y 
4 1 "C5'" AAA G   7  ? ? "C4'" AAA G   7  ? ? "C3'" AAA G 7  ? ? 104.51 115.20 -10.69 1.40 N 
5 1 "C3'" AAA G   7  ? ? "O3'" AAA G   7  ? ? P     AAA A 8  ? ? 111.42 119.70 -8.28  1.20 Y 
6 1 "O3'" AAA U   9  ? ? P     AAA C   10 ? ? OP2   AAA C 10 ? ? 118.42 110.50 7.92   1.10 Y 
7 1 "O3'" AAA C   10 ? ? P     AAA U   11 ? ? OP2   AAA U 11 ? ? 117.18 110.50 6.68   1.10 Y 
8 1 "O3'" AAA SUR 12 ? ? P     AAA C   13 ? ? OP2   AAA C 13 ? ? 120.88 110.50 10.38  1.10 Y 
# 
_pdbx_validate_planes.id              1 
_pdbx_validate_planes.PDB_model_num   1 
_pdbx_validate_planes.auth_comp_id    C 
_pdbx_validate_planes.auth_asym_id    AAA 
_pdbx_validate_planes.auth_seq_id     15 
_pdbx_validate_planes.PDB_ins_code    ? 
_pdbx_validate_planes.label_alt_id    ? 
_pdbx_validate_planes.rmsd            0.064 
_pdbx_validate_planes.type            'SIDE CHAIN' 
# 
loop_
_pdbx_struct_special_symmetry.id 
_pdbx_struct_special_symmetry.PDB_model_num 
_pdbx_struct_special_symmetry.auth_asym_id 
_pdbx_struct_special_symmetry.auth_comp_id 
_pdbx_struct_special_symmetry.auth_seq_id 
_pdbx_struct_special_symmetry.PDB_ins_code 
_pdbx_struct_special_symmetry.label_asym_id 
_pdbx_struct_special_symmetry.label_comp_id 
_pdbx_struct_special_symmetry.label_seq_id 
1 1 AAA HOH 222 ? C HOH . 
2 1 AAA HOH 232 ? C HOH . 
3 1 AAA HOH 239 ? C HOH . 
4 1 AAA HOH 244 ? C HOH . 
5 1 AAA HOH 252 ? C HOH . 
# 
_pdbx_entry_details.entry_id                 8FEQ 
_pdbx_entry_details.has_ligand_of_interest   Y 
_pdbx_entry_details.compound_details         ? 
_pdbx_entry_details.source_details           ? 
_pdbx_entry_details.nonpolymer_details       ? 
_pdbx_entry_details.sequence_details         ? 
# 
loop_
_chem_comp_atom.comp_id 
_chem_comp_atom.atom_id 
_chem_comp_atom.type_symbol 
_chem_comp_atom.pdbx_aromatic_flag 
_chem_comp_atom.pdbx_stereo_config 
_chem_comp_atom.pdbx_ordinal 
A   OP3    O  N N 1   
A   P      P  N N 2   
A   OP1    O  N N 3   
A   OP2    O  N N 4   
A   "O5'"  O  N N 5   
A   "C5'"  C  N N 6   
A   "C4'"  C  N R 7   
A   "O4'"  O  N N 8   
A   "C3'"  C  N S 9   
A   "O3'"  O  N N 10  
A   "C2'"  C  N R 11  
A   "O2'"  O  N N 12  
A   "C1'"  C  N R 13  
A   N9     N  Y N 14  
A   C8     C  Y N 15  
A   N7     N  Y N 16  
A   C5     C  Y N 17  
A   C6     C  Y N 18  
A   N6     N  N N 19  
A   N1     N  Y N 20  
A   C2     C  Y N 21  
A   N3     N  Y N 22  
A   C4     C  Y N 23  
A   HOP3   H  N N 24  
A   HOP2   H  N N 25  
A   "H5'"  H  N N 26  
A   "H5''" H  N N 27  
A   "H4'"  H  N N 28  
A   "H3'"  H  N N 29  
A   "HO3'" H  N N 30  
A   "H2'"  H  N N 31  
A   "HO2'" H  N N 32  
A   "H1'"  H  N N 33  
A   H8     H  N N 34  
A   H61    H  N N 35  
A   H62    H  N N 36  
A   H2     H  N N 37  
C   OP3    O  N N 38  
C   P      P  N N 39  
C   OP1    O  N N 40  
C   OP2    O  N N 41  
C   "O5'"  O  N N 42  
C   "C5'"  C  N N 43  
C   "C4'"  C  N R 44  
C   "O4'"  O  N N 45  
C   "C3'"  C  N S 46  
C   "O3'"  O  N N 47  
C   "C2'"  C  N R 48  
C   "O2'"  O  N N 49  
C   "C1'"  C  N R 50  
C   N1     N  N N 51  
C   C2     C  N N 52  
C   O2     O  N N 53  
C   N3     N  N N 54  
C   C4     C  N N 55  
C   N4     N  N N 56  
C   C5     C  N N 57  
C   C6     C  N N 58  
C   HOP3   H  N N 59  
C   HOP2   H  N N 60  
C   "H5'"  H  N N 61  
C   "H5''" H  N N 62  
C   "H4'"  H  N N 63  
C   "H3'"  H  N N 64  
C   "HO3'" H  N N 65  
C   "H2'"  H  N N 66  
C   "HO2'" H  N N 67  
C   "H1'"  H  N N 68  
C   H41    H  N N 69  
C   H42    H  N N 70  
C   H5     H  N N 71  
C   H6     H  N N 72  
CA  CA     CA N N 73  
G   OP3    O  N N 74  
G   P      P  N N 75  
G   OP1    O  N N 76  
G   OP2    O  N N 77  
G   "O5'"  O  N N 78  
G   "C5'"  C  N N 79  
G   "C4'"  C  N R 80  
G   "O4'"  O  N N 81  
G   "C3'"  C  N S 82  
G   "O3'"  O  N N 83  
G   "C2'"  C  N R 84  
G   "O2'"  O  N N 85  
G   "C1'"  C  N R 86  
G   N9     N  Y N 87  
G   C8     C  Y N 88  
G   N7     N  Y N 89  
G   C5     C  Y N 90  
G   C6     C  N N 91  
G   O6     O  N N 92  
G   N1     N  N N 93  
G   C2     C  N N 94  
G   N2     N  N N 95  
G   N3     N  N N 96  
G   C4     C  Y N 97  
G   HOP3   H  N N 98  
G   HOP2   H  N N 99  
G   "H5'"  H  N N 100 
G   "H5''" H  N N 101 
G   "H4'"  H  N N 102 
G   "H3'"  H  N N 103 
G   "HO3'" H  N N 104 
G   "H2'"  H  N N 105 
G   "HO2'" H  N N 106 
G   "H1'"  H  N N 107 
G   H8     H  N N 108 
G   H1     H  N N 109 
G   H21    H  N N 110 
G   H22    H  N N 111 
HOH O      O  N N 112 
HOH H1     H  N N 113 
HOH H2     H  N N 114 
SUR P      P  N N 115 
SUR OP1    O  N N 116 
SUR OP2    O  N N 117 
SUR OP3    O  N N 118 
SUR "O5'"  O  N N 119 
SUR "C5'"  C  N N 120 
SUR "C4'"  C  N R 121 
SUR "O4'"  O  N N 122 
SUR "C3'"  C  N S 123 
SUR "C1'"  C  N R 124 
SUR N1     N  N N 125 
SUR "C2'"  C  N R 126 
SUR C6     C  N N 127 
SUR C2     C  N N 128 
SUR C5     C  N N 129 
SUR S2     S  N N 130 
SUR N3     N  N N 131 
SUR C4     C  N N 132 
SUR O4     O  N N 133 
SUR "O2'"  O  N N 134 
SUR "O3'"  O  N N 135 
SUR HOP1   H  N N 136 
SUR HOP3   H  N N 137 
SUR "H5'1" H  N N 138 
SUR "H5'2" H  N N 139 
SUR "H4'"  H  N N 140 
SUR "H3'"  H  N N 141 
SUR "H1'"  H  N N 142 
SUR "H2'"  H  N N 143 
SUR HC6    H  N N 144 
SUR HC5    H  N N 145 
SUR HN3    H  N N 146 
SUR HO2    H  N N 147 
SUR HO3    H  N N 148 
U   OP3    O  N N 149 
U   P      P  N N 150 
U   OP1    O  N N 151 
U   OP2    O  N N 152 
U   "O5'"  O  N N 153 
U   "C5'"  C  N N 154 
U   "C4'"  C  N R 155 
U   "O4'"  O  N N 156 
U   "C3'"  C  N S 157 
U   "O3'"  O  N N 158 
U   "C2'"  C  N R 159 
U   "O2'"  O  N N 160 
U   "C1'"  C  N R 161 
U   N1     N  N N 162 
U   C2     C  N N 163 
U   O2     O  N N 164 
U   N3     N  N N 165 
U   C4     C  N N 166 
U   O4     O  N N 167 
U   C5     C  N N 168 
U   C6     C  N N 169 
U   HOP3   H  N N 170 
U   HOP2   H  N N 171 
U   "H5'"  H  N N 172 
U   "H5''" H  N N 173 
U   "H4'"  H  N N 174 
U   "H3'"  H  N N 175 
U   "HO3'" H  N N 176 
U   "H2'"  H  N N 177 
U   "HO2'" H  N N 178 
U   "H1'"  H  N N 179 
U   H3     H  N N 180 
U   H5     H  N N 181 
U   H6     H  N N 182 
# 
loop_
_chem_comp_bond.comp_id 
_chem_comp_bond.atom_id_1 
_chem_comp_bond.atom_id_2 
_chem_comp_bond.value_order 
_chem_comp_bond.pdbx_aromatic_flag 
_chem_comp_bond.pdbx_stereo_config 
_chem_comp_bond.pdbx_ordinal 
A   OP3   P      sing N N 1   
A   OP3   HOP3   sing N N 2   
A   P     OP1    doub N N 3   
A   P     OP2    sing N N 4   
A   P     "O5'"  sing N N 5   
A   OP2   HOP2   sing N N 6   
A   "O5'" "C5'"  sing N N 7   
A   "C5'" "C4'"  sing N N 8   
A   "C5'" "H5'"  sing N N 9   
A   "C5'" "H5''" sing N N 10  
A   "C4'" "O4'"  sing N N 11  
A   "C4'" "C3'"  sing N N 12  
A   "C4'" "H4'"  sing N N 13  
A   "O4'" "C1'"  sing N N 14  
A   "C3'" "O3'"  sing N N 15  
A   "C3'" "C2'"  sing N N 16  
A   "C3'" "H3'"  sing N N 17  
A   "O3'" "HO3'" sing N N 18  
A   "C2'" "O2'"  sing N N 19  
A   "C2'" "C1'"  sing N N 20  
A   "C2'" "H2'"  sing N N 21  
A   "O2'" "HO2'" sing N N 22  
A   "C1'" N9     sing N N 23  
A   "C1'" "H1'"  sing N N 24  
A   N9    C8     sing Y N 25  
A   N9    C4     sing Y N 26  
A   C8    N7     doub Y N 27  
A   C8    H8     sing N N 28  
A   N7    C5     sing Y N 29  
A   C5    C6     sing Y N 30  
A   C5    C4     doub Y N 31  
A   C6    N6     sing N N 32  
A   C6    N1     doub Y N 33  
A   N6    H61    sing N N 34  
A   N6    H62    sing N N 35  
A   N1    C2     sing Y N 36  
A   C2    N3     doub Y N 37  
A   C2    H2     sing N N 38  
A   N3    C4     sing Y N 39  
C   OP3   P      sing N N 40  
C   OP3   HOP3   sing N N 41  
C   P     OP1    doub N N 42  
C   P     OP2    sing N N 43  
C   P     "O5'"  sing N N 44  
C   OP2   HOP2   sing N N 45  
C   "O5'" "C5'"  sing N N 46  
C   "C5'" "C4'"  sing N N 47  
C   "C5'" "H5'"  sing N N 48  
C   "C5'" "H5''" sing N N 49  
C   "C4'" "O4'"  sing N N 50  
C   "C4'" "C3'"  sing N N 51  
C   "C4'" "H4'"  sing N N 52  
C   "O4'" "C1'"  sing N N 53  
C   "C3'" "O3'"  sing N N 54  
C   "C3'" "C2'"  sing N N 55  
C   "C3'" "H3'"  sing N N 56  
C   "O3'" "HO3'" sing N N 57  
C   "C2'" "O2'"  sing N N 58  
C   "C2'" "C1'"  sing N N 59  
C   "C2'" "H2'"  sing N N 60  
C   "O2'" "HO2'" sing N N 61  
C   "C1'" N1     sing N N 62  
C   "C1'" "H1'"  sing N N 63  
C   N1    C2     sing N N 64  
C   N1    C6     sing N N 65  
C   C2    O2     doub N N 66  
C   C2    N3     sing N N 67  
C   N3    C4     doub N N 68  
C   C4    N4     sing N N 69  
C   C4    C5     sing N N 70  
C   N4    H41    sing N N 71  
C   N4    H42    sing N N 72  
C   C5    C6     doub N N 73  
C   C5    H5     sing N N 74  
C   C6    H6     sing N N 75  
G   OP3   P      sing N N 76  
G   OP3   HOP3   sing N N 77  
G   P     OP1    doub N N 78  
G   P     OP2    sing N N 79  
G   P     "O5'"  sing N N 80  
G   OP2   HOP2   sing N N 81  
G   "O5'" "C5'"  sing N N 82  
G   "C5'" "C4'"  sing N N 83  
G   "C5'" "H5'"  sing N N 84  
G   "C5'" "H5''" sing N N 85  
G   "C4'" "O4'"  sing N N 86  
G   "C4'" "C3'"  sing N N 87  
G   "C4'" "H4'"  sing N N 88  
G   "O4'" "C1'"  sing N N 89  
G   "C3'" "O3'"  sing N N 90  
G   "C3'" "C2'"  sing N N 91  
G   "C3'" "H3'"  sing N N 92  
G   "O3'" "HO3'" sing N N 93  
G   "C2'" "O2'"  sing N N 94  
G   "C2'" "C1'"  sing N N 95  
G   "C2'" "H2'"  sing N N 96  
G   "O2'" "HO2'" sing N N 97  
G   "C1'" N9     sing N N 98  
G   "C1'" "H1'"  sing N N 99  
G   N9    C8     sing Y N 100 
G   N9    C4     sing Y N 101 
G   C8    N7     doub Y N 102 
G   C8    H8     sing N N 103 
G   N7    C5     sing Y N 104 
G   C5    C6     sing N N 105 
G   C5    C4     doub Y N 106 
G   C6    O6     doub N N 107 
G   C6    N1     sing N N 108 
G   N1    C2     sing N N 109 
G   N1    H1     sing N N 110 
G   C2    N2     sing N N 111 
G   C2    N3     doub N N 112 
G   N2    H21    sing N N 113 
G   N2    H22    sing N N 114 
G   N3    C4     sing N N 115 
HOH O     H1     sing N N 116 
HOH O     H2     sing N N 117 
SUR P     OP1    sing N N 118 
SUR P     OP2    doub N N 119 
SUR P     OP3    sing N N 120 
SUR P     "O5'"  sing N N 121 
SUR OP1   HOP1   sing N N 122 
SUR OP3   HOP3   sing N N 123 
SUR "O5'" "C5'"  sing N N 124 
SUR "C5'" "C4'"  sing N N 125 
SUR "C5'" "H5'1" sing N N 126 
SUR "C5'" "H5'2" sing N N 127 
SUR "C4'" "O4'"  sing N N 128 
SUR "C4'" "C3'"  sing N N 129 
SUR "C4'" "H4'"  sing N N 130 
SUR "O4'" "C1'"  sing N N 131 
SUR "C3'" "C2'"  sing N N 132 
SUR "C3'" "O3'"  sing N N 133 
SUR "C3'" "H3'"  sing N N 134 
SUR "C1'" N1     sing N N 135 
SUR "C1'" "C2'"  sing N N 136 
SUR "C1'" "H1'"  sing N N 137 
SUR N1    C6     sing N N 138 
SUR N1    C2     sing N N 139 
SUR "C2'" "O2'"  sing N N 140 
SUR "C2'" "H2'"  sing N N 141 
SUR C6    C5     doub N N 142 
SUR C6    HC6    sing N N 143 
SUR C2    S2     doub N N 144 
SUR C2    N3     sing N N 145 
SUR C5    C4     sing N N 146 
SUR C5    HC5    sing N N 147 
SUR N3    C4     sing N N 148 
SUR N3    HN3    sing N N 149 
SUR C4    O4     doub N N 150 
SUR "O2'" HO2    sing N N 151 
SUR "O3'" HO3    sing N N 152 
U   OP3   P      sing N N 153 
U   OP3   HOP3   sing N N 154 
U   P     OP1    doub N N 155 
U   P     OP2    sing N N 156 
U   P     "O5'"  sing N N 157 
U   OP2   HOP2   sing N N 158 
U   "O5'" "C5'"  sing N N 159 
U   "C5'" "C4'"  sing N N 160 
U   "C5'" "H5'"  sing N N 161 
U   "C5'" "H5''" sing N N 162 
U   "C4'" "O4'"  sing N N 163 
U   "C4'" "C3'"  sing N N 164 
U   "C4'" "H4'"  sing N N 165 
U   "O4'" "C1'"  sing N N 166 
U   "C3'" "O3'"  sing N N 167 
U   "C3'" "C2'"  sing N N 168 
U   "C3'" "H3'"  sing N N 169 
U   "O3'" "HO3'" sing N N 170 
U   "C2'" "O2'"  sing N N 171 
U   "C2'" "C1'"  sing N N 172 
U   "C2'" "H2'"  sing N N 173 
U   "O2'" "HO2'" sing N N 174 
U   "C1'" N1     sing N N 175 
U   "C1'" "H1'"  sing N N 176 
U   N1    C2     sing N N 177 
U   N1    C6     sing N N 178 
U   C2    O2     doub N N 179 
U   C2    N3     sing N N 180 
U   N3    C4     sing N N 181 
U   N3    H3     sing N N 182 
U   C4    O4     doub N N 183 
U   C4    C5     sing N N 184 
U   C5    C6     doub N N 185 
U   C5    H5     sing N N 186 
U   C6    H6     sing N N 187 
# 
loop_
_ndb_struct_conf_na.entry_id 
_ndb_struct_conf_na.feature 
8FEQ 'a-form double helix'  
8FEQ 'mismatched base pair' 
# 
loop_
_ndb_struct_na_base_pair.model_number 
_ndb_struct_na_base_pair.i_label_asym_id 
_ndb_struct_na_base_pair.i_label_comp_id 
_ndb_struct_na_base_pair.i_label_seq_id 
_ndb_struct_na_base_pair.i_symmetry 
_ndb_struct_na_base_pair.j_label_asym_id 
_ndb_struct_na_base_pair.j_label_comp_id 
_ndb_struct_na_base_pair.j_label_seq_id 
_ndb_struct_na_base_pair.j_symmetry 
_ndb_struct_na_base_pair.shear 
_ndb_struct_na_base_pair.stretch 
_ndb_struct_na_base_pair.stagger 
_ndb_struct_na_base_pair.buckle 
_ndb_struct_na_base_pair.propeller 
_ndb_struct_na_base_pair.opening 
_ndb_struct_na_base_pair.pair_number 
_ndb_struct_na_base_pair.pair_name 
_ndb_struct_na_base_pair.i_auth_asym_id 
_ndb_struct_na_base_pair.i_auth_seq_id 
_ndb_struct_na_base_pair.i_PDB_ins_code 
_ndb_struct_na_base_pair.j_auth_asym_id 
_ndb_struct_na_base_pair.j_auth_seq_id 
_ndb_struct_na_base_pair.j_PDB_ins_code 
_ndb_struct_na_base_pair.hbond_type_28 
_ndb_struct_na_base_pair.hbond_type_12 
1 A A   1  1_555 A U   16 4_555 0.004  -0.126 0.025  -1.302 -10.254 2.056  1  AAA_A1:U16_AAA     AAA 1  ? AAA 16 ? 20 1 
1 A G   2  1_555 A C   15 4_555 -0.198 -0.201 -0.106 -4.115 -14.535 -1.043 2  AAA_G2:C15_AAA     AAA 2  ? AAA 15 ? 19 1 
1 A A   3  1_555 A U   14 4_555 0.096  -0.148 0.057  -1.898 -15.874 0.564  3  AAA_A3:U14_AAA     AAA 3  ? AAA 14 ? 20 1 
1 A G   4  1_555 A C   13 4_555 -0.290 -0.217 -0.160 -6.363 -12.517 -1.470 4  AAA_G4:C13_AAA     AAA 4  ? AAA 13 ? 19 1 
1 A SUR 5  1_555 A SUR 12 4_555 2.286  -1.543 0.098  -1.775 -8.727  -1.547 5  AAA_SUR5:SUR12_AAA AAA 5  ? AAA 12 ? ?  ? 
1 A A   6  1_555 A U   11 4_555 -0.207 -0.053 -0.017 -5.350 -14.336 8.218  6  AAA_A6:U11_AAA     AAA 6  ? AAA 11 ? 20 1 
1 A G   7  1_555 A C   10 4_555 -0.183 -0.150 0.029  -2.411 -6.663  -1.345 7  AAA_G7:C10_AAA     AAA 7  ? AAA 10 ? 19 1 
1 A A   8  1_555 A U   9  4_555 -0.030 -0.154 -0.091 -1.508 -13.952 0.729  8  AAA_A8:U9_AAA      AAA 8  ? AAA 9  ? 20 1 
1 A U   9  1_555 A A   8  4_555 0.030  -0.154 -0.091 1.508  -13.952 0.729  9  AAA_U9:A8_AAA      AAA 9  ? AAA 8  ? 20 1 
1 A C   10 1_555 A G   7  4_555 0.183  -0.150 0.029  2.411  -6.663  -1.345 10 AAA_C10:G7_AAA     AAA 10 ? AAA 7  ? 19 1 
1 A U   11 1_555 A A   6  4_555 0.207  -0.053 -0.017 5.350  -14.336 8.218  11 AAA_U11:A6_AAA     AAA 11 ? AAA 6  ? 20 1 
1 A SUR 12 1_555 A SUR 5  4_555 -2.286 -1.543 0.098  1.775  -8.727  -1.547 12 AAA_SUR12:SUR5_AAA AAA 12 ? AAA 5  ? ?  ? 
1 A C   13 1_555 A G   4  4_555 0.290  -0.217 -0.160 6.363  -12.517 -1.470 13 AAA_C13:G4_AAA     AAA 13 ? AAA 4  ? 19 1 
1 A U   14 1_555 A A   3  4_555 -0.096 -0.148 0.057  1.898  -15.874 0.564  14 AAA_U14:A3_AAA     AAA 14 ? AAA 3  ? 20 1 
1 A C   15 1_555 A G   2  4_555 0.198  -0.201 -0.106 4.115  -14.535 -1.043 15 AAA_C15:G2_AAA     AAA 15 ? AAA 2  ? 19 1 
1 A U   16 1_555 A A   1  4_555 -0.004 -0.126 0.025  1.302  -10.254 2.056  16 AAA_U16:A1_AAA     AAA 16 ? AAA 1  ? 20 1 
# 
loop_
_ndb_struct_na_base_pair_step.model_number 
_ndb_struct_na_base_pair_step.i_label_asym_id_1 
_ndb_struct_na_base_pair_step.i_label_comp_id_1 
_ndb_struct_na_base_pair_step.i_label_seq_id_1 
_ndb_struct_na_base_pair_step.i_symmetry_1 
_ndb_struct_na_base_pair_step.j_label_asym_id_1 
_ndb_struct_na_base_pair_step.j_label_comp_id_1 
_ndb_struct_na_base_pair_step.j_label_seq_id_1 
_ndb_struct_na_base_pair_step.j_symmetry_1 
_ndb_struct_na_base_pair_step.i_label_asym_id_2 
_ndb_struct_na_base_pair_step.i_label_comp_id_2 
_ndb_struct_na_base_pair_step.i_label_seq_id_2 
_ndb_struct_na_base_pair_step.i_symmetry_2 
_ndb_struct_na_base_pair_step.j_label_asym_id_2 
_ndb_struct_na_base_pair_step.j_label_comp_id_2 
_ndb_struct_na_base_pair_step.j_label_seq_id_2 
_ndb_struct_na_base_pair_step.j_symmetry_2 
_ndb_struct_na_base_pair_step.shift 
_ndb_struct_na_base_pair_step.slide 
_ndb_struct_na_base_pair_step.rise 
_ndb_struct_na_base_pair_step.tilt 
_ndb_struct_na_base_pair_step.roll 
_ndb_struct_na_base_pair_step.twist 
_ndb_struct_na_base_pair_step.x_displacement 
_ndb_struct_na_base_pair_step.y_displacement 
_ndb_struct_na_base_pair_step.helical_rise 
_ndb_struct_na_base_pair_step.inclination 
_ndb_struct_na_base_pair_step.tip 
_ndb_struct_na_base_pair_step.helical_twist 
_ndb_struct_na_base_pair_step.step_number 
_ndb_struct_na_base_pair_step.step_name 
_ndb_struct_na_base_pair_step.i_auth_asym_id_1 
_ndb_struct_na_base_pair_step.i_auth_seq_id_1 
_ndb_struct_na_base_pair_step.i_PDB_ins_code_1 
_ndb_struct_na_base_pair_step.j_auth_asym_id_1 
_ndb_struct_na_base_pair_step.j_auth_seq_id_1 
_ndb_struct_na_base_pair_step.j_PDB_ins_code_1 
_ndb_struct_na_base_pair_step.i_auth_asym_id_2 
_ndb_struct_na_base_pair_step.i_auth_seq_id_2 
_ndb_struct_na_base_pair_step.i_PDB_ins_code_2 
_ndb_struct_na_base_pair_step.j_auth_asym_id_2 
_ndb_struct_na_base_pair_step.j_auth_seq_id_2 
_ndb_struct_na_base_pair_step.j_PDB_ins_code_2 
1 A A   1  1_555 A U   16 4_555 A G   2  1_555 A C   15 4_555 -0.619 -1.090 3.237 -0.821 7.665  33.304 -3.016 0.929  2.935 13.156 
1.408   34.160 1  AAAAAA_A1G2:C15U16_AAAAAA     AAA 1  ? AAA 16 ? AAA 2  ? AAA 15 ? 
1 A G   2  1_555 A C   15 4_555 A A   3  1_555 A U   14 4_555 0.697  -1.147 3.157 0.662  4.800  33.676 -2.684 -1.092 2.982 8.232  
-1.136  34.013 2  AAAAAA_G2A3:U14C15_AAAAAA     AAA 2  ? AAA 15 ? AAA 3  ? AAA 14 ? 
1 A A   3  1_555 A U   14 4_555 A G   4  1_555 A C   13 4_555 -0.396 -1.421 3.328 -0.870 11.331 31.980 -4.167 0.547  2.693 19.801 
1.521   33.890 3  AAAAAA_A3G4:C13U14_AAAAAA     AAA 3  ? AAA 14 ? AAA 4  ? AAA 13 ? 
1 A G   4  1_555 A C   13 4_555 A SUR 5  1_555 A SUR 12 4_555 0.262  -1.198 3.224 -1.061 7.104  41.216 -2.390 -0.473 2.980 10.000 
1.493   41.811 4  AAAAAA_G4SUR5:SUR12C13_AAAAAA AAA 4  ? AAA 13 ? AAA 5  ? AAA 12 ? 
1 A SUR 5  1_555 A SUR 12 4_555 A A   6  1_555 A U   11 4_555 1.095  -2.316 3.063 7.726  18.678 22.054 -7.384 -0.933 1.124 39.716 
-16.429 29.831 5  AAAAAA_SUR5A6:U11SUR12_AAAAAA AAA 5  ? AAA 12 ? AAA 6  ? AAA 11 ? 
1 A A   6  1_555 A U   11 4_555 A G   7  1_555 A C   10 4_555 -0.867 -1.934 3.125 -1.398 5.738  26.324 -5.467 1.537  2.692 12.401 
3.021   26.967 6  AAAAAA_A6G7:C10U11_AAAAAA     AAA 6  ? AAA 11 ? AAA 7  ? AAA 10 ? 
1 A G   7  1_555 A C   10 4_555 A A   8  1_555 A U   9  4_555 -0.202 -1.516 3.223 0.731  7.771  31.844 -3.934 0.475  2.780 13.904 
-1.308  32.762 7  AAAAAA_G7A8:U9C10_AAAAAA      AAA 7  ? AAA 10 ? AAA 8  ? AAA 9  ? 
1 A A   8  1_555 A U   9  4_555 A U   9  1_555 A A   8  4_555 0.000  -1.188 3.157 0.000  5.764  32.083 -3.056 0.000  2.905 10.325 
0.000   32.583 8  AAAAAA_A8U9:A8U9_AAAAAA       AAA 8  ? AAA 9  ? AAA 9  ? AAA 8  ? 
1 A U   9  1_555 A A   8  4_555 A C   10 1_555 A G   7  4_555 0.202  -1.516 3.223 -0.731 7.771  31.844 -3.934 -0.475 2.780 13.904 
1.308   32.762 9  AAAAAA_U9C10:G7A8_AAAAAA      AAA 9  ? AAA 8  ? AAA 10 ? AAA 7  ? 
1 A C   10 1_555 A G   7  4_555 A U   11 1_555 A A   6  4_555 0.867  -1.934 3.125 1.398  5.738  26.324 -5.467 -1.537 2.692 12.401 
-3.021  26.967 10 AAAAAA_C10U11:A6G7_AAAAAA     AAA 10 ? AAA 7  ? AAA 11 ? AAA 6  ? 
1 A U   11 1_555 A A   6  4_555 A SUR 12 1_555 A SUR 5  4_555 -1.095 -2.316 3.063 -7.726 18.678 22.054 -7.384 0.933  1.124 39.716 
16.429  29.831 11 AAAAAA_U11SUR12:SUR5A6_AAAAAA AAA 11 ? AAA 6  ? AAA 12 ? AAA 5  ? 
1 A SUR 12 1_555 A SUR 5  4_555 A C   13 1_555 A G   4  4_555 -0.262 -1.198 3.224 1.061  7.104  41.216 -2.390 0.473  2.980 10.000 
-1.493  41.811 12 AAAAAA_SUR12C13:G4SUR5_AAAAAA AAA 12 ? AAA 5  ? AAA 13 ? AAA 4  ? 
1 A C   13 1_555 A G   4  4_555 A U   14 1_555 A A   3  4_555 0.396  -1.421 3.328 0.870  11.331 31.980 -4.167 -0.547 2.693 19.801 
-1.521  33.890 13 AAAAAA_C13U14:A3G4_AAAAAA     AAA 13 ? AAA 4  ? AAA 14 ? AAA 3  ? 
1 A U   14 1_555 A A   3  4_555 A C   15 1_555 A G   2  4_555 -0.697 -1.147 3.157 -0.662 4.800  33.676 -2.684 1.092  2.982 8.232  
1.136   34.013 14 AAAAAA_U14C15:G2A3_AAAAAA     AAA 14 ? AAA 3  ? AAA 15 ? AAA 2  ? 
1 A C   15 1_555 A G   2  4_555 A U   16 1_555 A A   1  4_555 0.619  -1.090 3.237 0.821  7.665  33.304 -3.016 -0.929 2.935 13.156 
-1.408  34.160 15 AAAAAA_C15U16:A1G2_AAAAAA     AAA 15 ? AAA 2  ? AAA 16 ? AAA 1  ? 
# 
loop_
_pdbx_audit_support.funding_organization 
_pdbx_audit_support.country 
_pdbx_audit_support.grant_number 
_pdbx_audit_support.ordinal 
'Simons Foundation'                      'United States' 290363FY18 1 
'Howard Hughes Medical Institute (HHMI)' 'United States' ?          2 
# 
_pdbx_entity_instance_feature.ordinal        1 
_pdbx_entity_instance_feature.comp_id        SUR 
_pdbx_entity_instance_feature.asym_id        ? 
_pdbx_entity_instance_feature.seq_num        ? 
_pdbx_entity_instance_feature.auth_comp_id   SUR 
_pdbx_entity_instance_feature.auth_asym_id   ? 
_pdbx_entity_instance_feature.auth_seq_num   ? 
_pdbx_entity_instance_feature.feature_type   'SUBJECT OF INVESTIGATION' 
_pdbx_entity_instance_feature.details        ? 
# 
_pdbx_initial_refinement_model.id               1 
_pdbx_initial_refinement_model.entity_id_list   ? 
_pdbx_initial_refinement_model.type             'experimental model' 
_pdbx_initial_refinement_model.source_name      PDB 
_pdbx_initial_refinement_model.accession_code   3ND4 
_pdbx_initial_refinement_model.details          ? 
# 
_atom_sites.entry_id                    8FEQ 
_atom_sites.Cartn_transf_matrix[1][1]   ? 
_atom_sites.Cartn_transf_matrix[1][2]   ? 
_atom_sites.Cartn_transf_matrix[1][3]   ? 
_atom_sites.Cartn_transf_matrix[2][1]   ? 
_atom_sites.Cartn_transf_matrix[2][2]   ? 
_atom_sites.Cartn_transf_matrix[2][3]   ? 
_atom_sites.Cartn_transf_matrix[3][1]   ? 
_atom_sites.Cartn_transf_matrix[3][2]   ? 
_atom_sites.Cartn_transf_matrix[3][3]   ? 
_atom_sites.Cartn_transf_vector[1]      ? 
_atom_sites.Cartn_transf_vector[2]      ? 
_atom_sites.Cartn_transf_vector[3]      ? 
_atom_sites.fract_transf_matrix[1][1]   0.02532445 
_atom_sites.fract_transf_matrix[1][2]   0.00833675 
_atom_sites.fract_transf_matrix[1][3]   0.00850637 
_atom_sites.fract_transf_matrix[2][1]   0.00753049 
_atom_sites.fract_transf_matrix[2][2]   0.02682027 
_atom_sites.fract_transf_matrix[2][3]   -0.00266924 
_atom_sites.fract_transf_matrix[3][1]   -0.00297155 
_atom_sites.fract_transf_matrix[3][2]   0.00156239 
_atom_sites.fract_transf_matrix[3][3]   0.00731541 
_atom_sites.fract_transf_vector[1]      0.414678 
_atom_sites.fract_transf_vector[2]      0.437669 
_atom_sites.fract_transf_vector[3]      -0.015245 
_atom_sites.solution_primary            ? 
_atom_sites.solution_secondary          ? 
_atom_sites.solution_hydrogens          ? 
_atom_sites.special_details             ? 
# 
loop_
_atom_type.symbol 
_atom_type.pdbx_scat_Z 
_atom_type.pdbx_N_electrons 
_atom_type.scat_Cromer_Mann_a1 
_atom_type.scat_Cromer_Mann_b1 
_atom_type.scat_Cromer_Mann_a2 
_atom_type.scat_Cromer_Mann_b2 
_atom_type.scat_Cromer_Mann_a3 
_atom_type.scat_Cromer_Mann_b3 
_atom_type.scat_Cromer_Mann_a4 
_atom_type.scat_Cromer_Mann_b4 
_atom_type.scat_Cromer_Mann_c 
C  6  6  2.310  20.844 1.020 10.208 1.589 0.569  0.865 51.651  0.216   
CA 20 20 8.627  10.442 7.387 0.660  1.590 85.748 1.021 178.437 1.375   
H  1  1  0.493  10.511 0.323 26.126 0.140 3.142  0.041 57.800  0.003   
N  7  7  12.222 0.006  3.135 9.893  2.014 28.997 1.167 0.583   -11.538 
O  8  8  3.049  13.277 2.287 5.701  1.546 0.324  0.867 32.909  0.251   
P  15 15 6.435  1.907  4.179 27.157 1.780 0.526  1.491 68.164  1.115   
S  16 16 6.905  1.468  5.203 22.215 1.438 0.254  1.586 56.172  0.867   
# 
loop_
_atom_site.group_PDB 
_atom_site.id 
_atom_site.type_symbol 
_atom_site.label_atom_id 
_atom_site.label_alt_id 
_atom_site.label_comp_id 
_atom_site.label_asym_id 
_atom_site.label_entity_id 
_atom_site.label_seq_id 
_atom_site.pdbx_PDB_ins_code 
_atom_site.Cartn_x 
_atom_site.Cartn_y 
_atom_site.Cartn_z 
_atom_site.occupancy 
_atom_site.B_iso_or_equiv 
_atom_site.pdbx_formal_charge 
_atom_site.auth_seq_id 
_atom_site.auth_comp_id 
_atom_site.auth_asym_id 
_atom_site.auth_atom_id 
_atom_site.pdbx_PDB_model_num 
_atom_site.calc_flag 
ATOM   1   O  "O5'" . A   A 1 1  ? -13.492 2.139   13.674  1.000 24.146 0 1   A   AAA "O5'" 1 ? 
ATOM   2   C  "C5'" . A   A 1 1  ? -14.496 2.988   13.118  1.000 20.659 0 1   A   AAA "C5'" 1 ? 
ATOM   3   C  "C4'" . A   A 1 1  ? -14.205 4.437   13.394  1.000 19.524 0 1   A   AAA "C4'" 1 ? 
ATOM   4   O  "O4'" . A   A 1 1  ? -14.216 4.670   14.830  1.000 17.314 0 1   A   AAA "O4'" 1 ? 
ATOM   5   C  "C3'" . A   A 1 1  ? -12.851 5.020   12.969  1.000 18.938 0 1   A   AAA "C3'" 1 ? 
ATOM   6   O  "O3'" . A   A 1 1  ? -12.949 5.471   11.631  1.000 19.819 0 1   A   AAA "O3'" 1 ? 
ATOM   7   C  "C2'" . A   A 1 1  ? -12.758 6.249   13.862  1.000 18.007 0 1   A   AAA "C2'" 1 ? 
ATOM   8   O  "O2'" . A   A 1 1  ? -13.628 7.319   13.540  1.000 18.326 0 1   A   AAA "O2'" 1 ? 
ATOM   9   C  "C1'" . A   A 1 1  ? -13.276 5.664   15.174  1.000 17.609 0 1   A   AAA "C1'" 1 ? 
ATOM   10  N  N9    . A   A 1 1  ? -12.283 5.004   16.007  1.000 15.422 0 1   A   AAA N9    1 ? 
ATOM   11  C  C8    . A   A 1 1  ? -12.164 3.652   16.197  1.000 14.987 0 1   A   AAA C8    1 ? 
ATOM   12  N  N7    . A   A 1 1  ? -11.277 3.311   17.096  1.000 15.697 0 1   A   AAA N7    1 ? 
ATOM   13  C  C5    . A   A 1 1  ? -10.736 4.529   17.480  1.000 13.930 0 1   A   AAA C5    1 ? 
ATOM   14  C  C6    . A   A 1 1  ? -9.732  4.857   18.417  1.000 13.613 0 1   A   AAA C6    1 ? 
ATOM   15  N  N6    . A   A 1 1  ? -9.090  3.956   19.151  1.000 14.751 0 1   A   AAA N6    1 ? 
ATOM   16  N  N1    . A   A 1 1  ? -9.430  6.163   18.572  1.000 14.443 0 1   A   AAA N1    1 ? 
ATOM   17  C  C2    . A   A 1 1  ? -10.117 7.079   17.877  1.000 15.704 0 1   A   AAA C2    1 ? 
ATOM   18  N  N3    . A   A 1 1  ? -11.078 6.901   16.967  1.000 15.065 0 1   A   AAA N3    1 ? 
ATOM   19  C  C4    . A   A 1 1  ? -11.364 5.590   16.836  1.000 14.842 0 1   A   AAA C4    1 ? 
ATOM   20  P  P     . G   A 1 2  ? -11.650 5.442   10.696  1.000 19.194 0 2   G   AAA P     1 ? 
ATOM   21  O  OP1   . G   A 1 2  ? -12.108 5.624   9.267   1.000 22.206 0 2   G   AAA OP1   1 ? 
ATOM   22  O  OP2   . G   A 1 2  ? -10.851 4.227   11.000  1.000 20.614 0 2   G   AAA OP2   1 ? 
ATOM   23  O  "O5'" . G   A 1 2  ? -10.805 6.709   11.154  1.000 18.876 0 2   G   AAA "O5'" 1 ? 
ATOM   24  C  "C5'" . G   A 1 2  ? -11.226 8.058   10.906  1.000 18.742 0 2   G   AAA "C5'" 1 ? 
ATOM   25  C  "C4'" . G   A 1 2  ? -10.294 8.974   11.654  1.000 17.755 0 2   G   AAA "C4'" 1 ? 
ATOM   26  O  "O4'" . G   A 1 2  ? -10.455 8.819   13.090  1.000 18.002 0 2   G   AAA "O4'" 1 ? 
ATOM   27  C  "C3'" . G   A 1 2  ? -8.803  8.725   11.427  1.000 17.391 0 2   G   AAA "C3'" 1 ? 
ATOM   28  O  "O3'" . G   A 1 2  ? -8.417  9.248   10.159  1.000 17.933 0 2   G   AAA "O3'" 1 ? 
ATOM   29  C  "C2'" . G   A 1 2  ? -8.227  9.486   12.614  1.000 17.802 0 2   G   AAA "C2'" 1 ? 
ATOM   30  O  "O2'" . G   A 1 2  ? -8.265  10.888  12.461  1.000 17.995 0 2   G   AAA "O2'" 1 ? 
ATOM   31  C  "C1'" . G   A 1 2  ? -9.178  9.010   13.710  1.000 15.977 0 2   G   AAA "C1'" 1 ? 
ATOM   32  N  N9    . G   A 1 2  ? -8.741  7.759   14.306  1.000 14.141 0 2   G   AAA N9    1 ? 
ATOM   33  C  C8    . G   A 1 2  ? -9.188  6.496   14.017  1.000 14.046 0 2   G   AAA C8    1 ? 
ATOM   34  N  N7    . G   A 1 2  ? -8.666  5.550   14.756  1.000 13.931 0 2   G   AAA N7    1 ? 
ATOM   35  C  C5    . G   A 1 2  ? -7.789  6.243   15.581  1.000 13.257 0 2   G   AAA C5    1 ? 
ATOM   36  C  C6    . G   A 1 2  ? -6.900  5.737   16.554  1.000 12.964 0 2   G   AAA C6    1 ? 
ATOM   37  O  O6    . G   A 1 2  ? -6.729  4.579   16.930  1.000 13.552 0 2   G   AAA O6    1 ? 
ATOM   38  N  N1    . G   A 1 2  ? -6.139  6.772   17.110  1.000 14.415 0 2   G   AAA N1    1 ? 
ATOM   39  C  C2    . G   A 1 2  ? -6.195  8.095   16.738  1.000 14.319 0 2   G   AAA C2    1 ? 
ATOM   40  N  N2    . G   A 1 2  ? -5.367  8.949   17.366  1.000 14.808 0 2   G   AAA N2    1 ? 
ATOM   41  N  N3    . G   A 1 2  ? -7.045  8.572   15.838  1.000 14.252 0 2   G   AAA N3    1 ? 
ATOM   42  C  C4    . G   A 1 2  ? -7.797  7.597   15.286  1.000 12.938 0 2   G   AAA C4    1 ? 
ATOM   43  P  P     . A   A 1 3  ? -7.203  8.573   9.351   1.000 18.988 0 3   A   AAA P     1 ? 
ATOM   44  O  OP1   . A   A 1 3  ? -7.037  9.322   8.056   1.000 20.834 0 3   A   AAA OP1   1 ? 
ATOM   45  O  OP2   . A   A 1 3  ? -7.322  7.102   9.299   1.000 20.277 0 3   A   AAA OP2   1 ? 
ATOM   46  O  "O5'" . A   A 1 3  ? -5.889  8.880   10.258  1.000 19.310 0 3   A   AAA "O5'" 1 ? 
ATOM   47  C  "C5'" . A   A 1 3  ? -5.516  10.249  10.543  1.000 17.228 0 3   A   AAA "C5'" 1 ? 
ATOM   48  C  "C4'" . A   A 1 3  ? -4.471  10.240  11.628  1.000 17.119 0 3   A   AAA "C4'" 1 ? 
ATOM   49  O  "O4'" . A   A 1 3  ? -5.039  9.710   12.856  1.000 15.683 0 3   A   AAA "O4'" 1 ? 
ATOM   50  C  "C3'" . A   A 1 3  ? -3.236  9.364   11.402  1.000 16.365 0 3   A   AAA "C3'" 1 ? 
ATOM   51  O  "O3'" . A   A 1 3  ? -2.349  10.068  10.542  1.000 16.030 0 3   A   AAA "O3'" 1 ? 
ATOM   52  C  "C2'" . A   A 1 3  ? -2.727  9.279   12.841  1.000 16.386 0 3   A   AAA "C2'" 1 ? 
ATOM   53  O  "O2'" . A   A 1 3  ? -2.092  10.472  13.252  1.000 17.812 0 3   A   AAA "O2'" 1 ? 
ATOM   54  C  "C1'" . A   A 1 3  ? -4.045  9.005   13.568  1.000 15.140 0 3   A   AAA "C1'" 1 ? 
ATOM   55  N  N9    . A   A 1 3  ? -4.411  7.581   13.636  1.000 15.517 0 3   A   AAA N9    1 ? 
ATOM   56  C  C8    . A   A 1 3  ? -5.288  6.814   12.869  1.000 14.393 0 3   A   AAA C8    1 ? 
ATOM   57  N  N7    . A   A 1 3  ? -5.368  5.528   13.173  1.000 15.128 0 3   A   AAA N7    1 ? 
ATOM   58  C  C5    . A   A 1 3  ? -4.532  5.503   14.306  1.000 14.175 0 3   A   AAA C5    1 ? 
ATOM   59  C  C6    . A   A 1 3  ? -4.134  4.431   15.115  1.000 13.709 0 3   A   AAA C6    1 ? 
ATOM   60  N  N6    . A   A 1 3  ? -4.630  3.218   15.001  1.000 15.499 0 3   A   AAA N6    1 ? 
ATOM   61  N  N1    . A   A 1 3  ? -3.214  4.671   16.077  1.000 13.982 0 3   A   AAA N1    1 ? 
ATOM   62  C  C2    . A   A 1 3  ? -2.746  5.913   16.230  1.000 13.628 0 3   A   AAA C2    1 ? 
ATOM   63  N  N3    . A   A 1 3  ? -2.979  7.005   15.497  1.000 14.211 0 3   A   AAA N3    1 ? 
ATOM   64  C  C4    . A   A 1 3  ? -3.897  6.711   14.542  1.000 14.685 0 3   A   AAA C4    1 ? 
ATOM   65  P  P     . G   A 1 4  ? -1.307  9.185   9.690   1.000 19.194 0 4   G   AAA P     1 ? 
ATOM   66  O  OP1   . G   A 1 4  ? -0.685  10.140  8.652   1.000 19.830 0 4   G   AAA OP1   1 ? 
ATOM   67  O  OP2   . G   A 1 4  ? -1.859  7.922   9.118   1.000 20.799 0 4   G   AAA OP2   1 ? 
ATOM   68  O  "O5'" . G   A 1 4  ? -0.195  8.682   10.742  1.000 18.005 0 4   G   AAA "O5'" 1 ? 
ATOM   69  C  "C5'" . G   A 1 4  ? 0.731   9.602   11.349  1.000 16.911 0 4   G   AAA "C5'" 1 ? 
ATOM   70  C  "C4'" . G   A 1 4  ? 1.536   8.871   12.390  1.000 17.404 0 4   G   AAA "C4'" 1 ? 
ATOM   71  O  "O4'" . G   A 1 4  ? 0.670   8.412   13.459  1.000 17.203 0 4   G   AAA "O4'" 1 ? 
ATOM   72  C  "C3'" . G   A 1 4  ? 2.241   7.580   11.948  1.000 17.822 0 4   G   AAA "C3'" 1 ? 
ATOM   73  O  "O3'" . G   A 1 4  ? 3.389   7.893   11.171  1.000 18.769 0 4   G   AAA "O3'" 1 ? 
ATOM   74  C  "C2'" . G   A 1 4  ? 2.543   6.970   13.315  1.000 17.277 0 4   G   AAA "C2'" 1 ? 
ATOM   75  O  "O2'" . G   A 1 4  ? 3.583   7.595   14.012  1.000 19.053 0 4   G   AAA "O2'" 1 ? 
ATOM   76  C  "C1'" . G   A 1 4  ? 1.192   7.204   13.991  1.000 17.072 0 4   G   AAA "C1'" 1 ? 
ATOM   77  N  N9    . G   A 1 4  ? 0.260   6.129   13.717  1.000 15.222 0 4   G   AAA N9    1 ? 
ATOM   78  C  C8    . G   A 1 4  ? -0.766  6.117   12.816  1.000 14.169 0 4   G   AAA C8    1 ? 
ATOM   79  N  N7    . G   A 1 4  ? -1.451  5.003   12.785  1.000 14.827 0 4   G   AAA N7    1 ? 
ATOM   80  C  C5    . G   A 1 4  ? -0.824  4.222   13.742  1.000 13.885 0 4   G   AAA C5    1 ? 
ATOM   81  C  C6    . G   A 1 4  ? -1.115  2.896   14.139  1.000 13.108 0 4   G   AAA C6    1 ? 
ATOM   82  O  O6    . G   A 1 4  ? -2.018  2.165   13.696  1.000 14.314 0 4   G   AAA O6    1 ? 
ATOM   83  N  N1    . G   A 1 4  ? -0.201  2.462   15.108  1.000 14.987 0 4   G   AAA N1    1 ? 
ATOM   84  C  C2    . G   A 1 4  ? 0.858   3.185   15.618  1.000 14.829 0 4   G   AAA C2    1 ? 
ATOM   85  N  N2    . G   A 1 4  ? 1.667   2.595   16.497  1.000 16.352 0 4   G   AAA N2    1 ? 
ATOM   86  N  N3    . G   A 1 4  ? 1.124   4.442   15.248  1.000 15.120 0 4   G   AAA N3    1 ? 
ATOM   87  C  C4    . G   A 1 4  ? 0.242   4.885   14.319  1.000 14.257 0 4   G   AAA C4    1 ? 
HETATM 88  P  P     . SUR A 1 5  ? 3.792   6.910   9.960   1.000 18.059 0 5   SUR AAA P     1 ? 
HETATM 89  O  OP1   . SUR A 1 5  ? 5.031   7.568   9.505   1.000 23.179 0 5   SUR AAA OP1   1 ? 
HETATM 90  O  OP2   . SUR A 1 5  ? 2.658   6.658   9.176   1.000 18.118 0 5   SUR AAA OP2   1 ? 
HETATM 91  O  "O5'" . SUR A 1 5  ? 4.149   5.608   10.815  1.000 18.644 0 5   SUR AAA "O5'" 1 ? 
HETATM 92  C  "C5'" . SUR A 1 5  ? 5.281   5.394   11.643  1.000 18.041 0 5   SUR AAA "C5'" 1 ? 
HETATM 93  C  "C4'" . SUR A 1 5  ? 5.151   3.986   12.279  1.000 17.341 0 5   SUR AAA "C4'" 1 ? 
HETATM 94  O  "O4'" . SUR A 1 5  ? 3.965   3.858   13.080  1.000 16.226 0 5   SUR AAA "O4'" 1 ? 
HETATM 95  C  "C3'" . SUR A 1 5  ? 5.098   2.867   11.218  1.000 16.575 0 5   SUR AAA "C3'" 1 ? 
HETATM 96  C  "C1'" . SUR A 1 5  ? 3.632   2.479   13.052  1.000 16.131 0 5   SUR AAA "C1'" 1 ? 
HETATM 97  N  N1    . SUR A 1 5  ? 2.311   2.321   12.381  1.000 14.516 0 5   SUR AAA N1    1 ? 
HETATM 98  C  "C2'" . SUR A 1 5  ? 4.726   1.745   12.197  1.000 15.665 0 5   SUR AAA "C2'" 1 ? 
HETATM 99  C  C6    . SUR A 1 5  ? 1.846   3.299   11.533  1.000 14.515 0 5   SUR AAA C6    1 ? 
HETATM 100 C  C2    . SUR A 1 5  ? 1.622   1.156   12.536  1.000 14.331 0 5   SUR AAA C2    1 ? 
HETATM 101 C  C5    . SUR A 1 5  ? 0.650   3.189   10.876  1.000 13.982 0 5   SUR AAA C5    1 ? 
HETATM 102 S  S2    . SUR A 1 5  ? 2.162   -0.077  13.489  1.000 16.422 0 5   SUR AAA S2    1 ? 
HETATM 103 N  N3    . SUR A 1 5  ? 0.447   1.045   11.906  1.000 14.006 0 5   SUR AAA N3    1 ? 
HETATM 104 C  C4    . SUR A 1 5  ? -0.069  2.011   11.060  1.000 14.652 0 5   SUR AAA C4    1 ? 
HETATM 105 O  O4    . SUR A 1 5  ? -1.139  1.739   10.500  1.000 16.777 0 5   SUR AAA O4    1 ? 
HETATM 106 O  "O2'" . SUR A 1 5  ? 5.874   1.308   12.967  1.000 17.777 0 5   SUR AAA "O2'" 1 ? 
HETATM 107 O  "O3'" . SUR A 1 5  ? 6.430   2.740   10.611  1.000 18.639 0 5   SUR AAA "O3'" 1 ? 
ATOM   108 P  P     . A   A 1 6  ? 6.357   2.270   9.088   1.000 19.711 0 6   A   AAA P     1 ? 
ATOM   109 O  OP1   . A   A 1 6  ? 7.761   2.474   8.516   1.000 22.380 0 6   A   AAA OP1   1 ? 
ATOM   110 O  OP2   . A   A 1 6  ? 5.228   2.771   8.195   1.000 21.695 0 6   A   AAA OP2   1 ? 
ATOM   111 O  "O5'" . A   A 1 6  ? 6.120   0.690   9.160   1.000 18.409 0 6   A   AAA "O5'" 1 ? 
ATOM   112 C  "C5'" . A   A 1 6  ? 7.030   -0.109  9.932   1.000 18.414 0 6   A   AAA "C5'" 1 ? 
ATOM   113 C  "C4'" . A   A 1 6  ? 6.379   -1.444  10.182  1.000 16.499 0 6   A   AAA "C4'" 1 ? 
ATOM   114 O  "O4'" . A   A 1 6  ? 5.179   -1.270  10.980  1.000 17.838 0 6   A   AAA "O4'" 1 ? 
ATOM   115 C  "C3'" . A   A 1 6  ? 5.885   -2.188  8.939   1.000 17.026 0 6   A   AAA "C3'" 1 ? 
ATOM   116 O  "O3'" . A   A 1 6  ? 7.013   -2.782  8.325   1.000 18.098 0 6   A   AAA "O3'" 1 ? 
ATOM   117 C  "C2'" . A   A 1 6  ? 4.937   -3.183  9.615   1.000 17.146 0 6   A   AAA "C2'" 1 ? 
ATOM   118 O  "O2'" . A   A 1 6  ? 5.602   -4.189  10.347  1.000 19.849 0 6   A   AAA "O2'" 1 ? 
ATOM   119 C  "C1'" . A   A 1 6  ? 4.234   -2.261  10.613  1.000 17.749 0 6   A   AAA "C1'" 1 ? 
ATOM   120 N  N9    . A   A 1 6  ? 3.036   -1.615  10.081  1.000 18.134 0 6   A   AAA N9    1 ? 
ATOM   121 C  C8    . A   A 1 6  ? 2.885   -0.358  9.544   1.000 18.476 0 6   A   AAA C8    1 ? 
ATOM   122 N  N7    . A   A 1 6  ? 1.655   -0.091  9.160   1.000 18.519 0 6   A   AAA N7    1 ? 
ATOM   123 C  C5    . A   A 1 6  ? 0.962   -1.262  9.427   1.000 16.589 0 6   A   AAA C5    1 ? 
ATOM   124 C  C6    . A   A 1 6  ? -0.396  -1.629  9.275   1.000 16.437 0 6   A   AAA C6    1 ? 
ATOM   125 N  N6    . A   A 1 6  ? -1.314  -0.860  8.704   1.000 18.540 0 6   A   AAA N6    1 ? 
ATOM   126 N  N1    . A   A 1 6  ? -0.747  -2.888  9.631   1.000 16.338 0 6   A   AAA N1    1 ? 
ATOM   127 C  C2    . A   A 1 6  ? 0.188   -3.692  10.138  1.000 16.634 0 6   A   AAA C2    1 ? 
ATOM   128 N  N3    . A   A 1 6  ? 1.466   -3.438  10.378  1.000 15.826 0 6   A   AAA N3    1 ? 
ATOM   129 C  C4    . A   A 1 6  ? 1.796   -2.195  10.006  1.000 17.605 0 6   A   AAA C4    1 ? 
ATOM   130 P  P     . G   A 1 7  ? 6.836   -3.130  6.768   1.000 19.691 0 7   G   AAA P     1 ? 
ATOM   131 O  OP1   . G   A 1 7  ? 8.101   -3.666  6.237   1.000 20.498 0 7   G   AAA OP1   1 ? 
ATOM   132 O  OP2   . G   A 1 7  ? 6.077   -2.089  5.978   1.000 20.380 0 7   G   AAA OP2   1 ? 
ATOM   133 O  "O5'" . G   A 1 7  ? 5.956   -4.414  7.064   1.000 23.234 0 7   G   AAA "O5'" 1 ? 
ATOM   134 C  "C5'" . G   A 1 7  ? 5.187   -4.979  6.191   1.000 23.235 0 7   G   AAA "C5'" 1 ? 
ATOM   135 C  "C4'" . G   A 1 7  ? 4.762   -6.283  6.822   1.000 21.281 0 7   G   AAA "C4'" 1 ? 
ATOM   136 O  "O4'" . G   A 1 7  ? 3.915   -6.110  7.992   1.000 19.067 0 7   G   AAA "O4'" 1 ? 
ATOM   137 C  "C3'" . G   A 1 7  ? 3.941   -6.969  5.755   1.000 20.453 0 7   G   AAA "C3'" 1 ? 
ATOM   138 O  "O3'" . G   A 1 7  ? 4.845   -7.815  5.077   1.000 20.292 0 7   G   AAA "O3'" 1 ? 
ATOM   139 C  "C2'" . G   A 1 7  ? 2.831   -7.617  6.556   1.000 17.947 0 7   G   AAA "C2'" 1 ? 
ATOM   140 O  "O2'" . G   A 1 7  ? 3.345   -8.848  6.996   1.000 18.647 0 7   G   AAA "O2'" 1 ? 
ATOM   141 C  "C1'" . G   A 1 7  ? 2.611   -6.573  7.649   1.000 17.412 0 7   G   AAA "C1'" 1 ? 
ATOM   142 N  N9    . G   A 1 7  ? 1.749   -5.464  7.237   1.000 15.900 0 7   G   AAA N9    1 ? 
ATOM   143 C  C8    . G   A 1 7  ? 2.068   -4.158  6.976   1.000 16.578 0 7   G   AAA C8    1 ? 
ATOM   144 N  N7    . G   A 1 7  ? 1.046   -3.400  6.644   1.000 16.537 0 7   G   AAA N7    1 ? 
ATOM   145 C  C5    . G   A 1 7  ? -0.017  -4.298  6.676   1.000 15.115 0 7   G   AAA C5    1 ? 
ATOM   146 C  C6    . G   A 1 7  ? -1.398  -4.061  6.467   1.000 14.518 0 7   G   AAA C6    1 ? 
ATOM   147 O  O6    . G   A 1 7  ? -1.951  -2.988  6.201   1.000 16.625 0 7   G   AAA O6    1 ? 
ATOM   148 N  N1    . G   A 1 7  ? -2.143  -5.226  6.622   1.000 15.293 0 7   G   AAA N1    1 ? 
ATOM   149 C  C2    . G   A 1 7  ? -1.621  -6.455  6.943   1.000 15.465 0 7   G   AAA C2    1 ? 
ATOM   150 N  N2    . G   A 1 7  ? -2.466  -7.493  7.020   1.000 16.240 0 7   G   AAA N2    1 ? 
ATOM   151 N  N3    . G   A 1 7  ? -0.330  -6.674  7.183   1.000 14.918 0 7   G   AAA N3    1 ? 
ATOM   152 C  C4    . G   A 1 7  ? 0.397   -5.539  7.073   1.000 15.340 0 7   G   AAA C4    1 ? 
ATOM   153 P  P     . A   A 1 8  ? 4.512   -7.889  3.496   1.000 23.403 0 8   A   AAA P     1 ? 
ATOM   154 O  OP1   . A   A 1 8  ? 5.669   -8.745  2.920   1.000 25.554 0 8   A   AAA OP1   1 ? 
ATOM   155 O  OP2   . A   A 1 8  ? 4.311   -6.538  2.868   1.000 26.815 0 8   A   AAA OP2   1 ? 
ATOM   156 O  "O5'" . A   A 1 8  ? 3.137   -8.676  3.324   1.000 24.116 0 8   A   AAA "O5'" 1 ? 
ATOM   157 C  "C5'" . A   A 1 8  ? 2.994   -10.013 3.845   1.000 25.956 0 8   A   AAA "C5'" 1 ? 
ATOM   158 C  "C4'" . A   A 1 8  ? 1.542   -10.403 3.798   1.000 25.830 0 8   A   AAA "C4'" 1 ? 
ATOM   159 O  "O4'" . A   A 1 8  ? 0.763   -9.551  4.679   1.000 23.704 0 8   A   AAA "O4'" 1 ? 
ATOM   160 C  "C3'" . A   A 1 8  ? 0.843   -10.253 2.439   1.000 26.533 0 8   A   AAA "C3'" 1 ? 
ATOM   161 O  "O3'" . A   A 1 8  ? 1.133   -11.393 1.641   1.000 26.039 0 8   A   AAA "O3'" 1 ? 
ATOM   162 C  "C2'" . A   A 1 8  ? -0.611  -10.248 2.887   1.000 24.830 0 8   A   AAA "C2'" 1 ? 
ATOM   163 O  "O2'" . A   A 1 8  ? -1.066  -11.528 3.267   1.000 29.301 0 8   A   AAA "O2'" 1 ? 
ATOM   164 C  "C1'" . A   A 1 8  ? -0.504  -9.325  4.097   1.000 25.439 0 8   A   AAA "C1'" 1 ? 
ATOM   165 N  N9    . A   A 1 8  ? -0.627  -7.910  3.785   1.000 21.148 0 8   A   AAA N9    1 ? 
ATOM   166 C  C8    . A   A 1 8  ? 0.342   -6.949  3.718   1.000 21.013 0 8   A   AAA C8    1 ? 
ATOM   167 N  N7    . A   A 1 8  ? -0.122  -5.742  3.507   1.000 19.830 0 8   A   AAA N7    1 ? 
ATOM   168 C  C5    . A   A 1 8  ? -1.491  -5.922  3.443   1.000 19.462 0 8   A   AAA C5    1 ? 
ATOM   169 C  C6    . A   A 1 8  ? -2.542  -5.024  3.189   1.000 18.002 0 8   A   AAA C6    1 ? 
ATOM   170 N  N6    . A   A 1 8  ? -2.333  -3.734  3.023   1.000 20.846 0 8   A   AAA N6    1 ? 
ATOM   171 N  N1    . A   A 1 8  ? -3.794  -5.520  3.160   1.000 20.162 0 8   A   AAA N1    1 ? 
ATOM   172 C  C2    . A   A 1 8  ? -3.965  -6.833  3.327   1.000 20.756 0 8   A   AAA C2    1 ? 
ATOM   173 N  N3    . A   A 1 8  ? -3.057  -7.783  3.541   1.000 20.326 0 8   A   AAA N3    1 ? 
ATOM   174 C  C4    . A   A 1 8  ? -1.824  -7.250  3.597   1.000 20.185 0 8   A   AAA C4    1 ? 
ATOM   175 P  P     . U   A 1 9  ? 1.327   -11.105 0.068   1.000 26.620 0 9   U   AAA P     1 ? 
ATOM   176 O  OP1   . U   A 1 9  ? 1.970   -12.341 -0.580  1.000 27.764 0 9   U   AAA OP1   1 ? 
ATOM   177 O  OP2   . U   A 1 9  ? 1.980   -9.824  -0.261  1.000 23.517 0 9   U   AAA OP2   1 ? 
ATOM   178 O  "O5'" . U   A 1 9  ? -0.173  -11.017 -0.467  1.000 27.188 0 9   U   AAA "O5'" 1 ? 
ATOM   179 C  "C5'" . U   A 1 9  ? -1.085  -12.118 -0.246  1.000 29.039 0 9   U   AAA "C5'" 1 ? 
ATOM   180 C  "C4'" . U   A 1 9  ? -2.492  -11.645 -0.499  1.000 28.182 0 9   U   AAA "C4'" 1 ? 
ATOM   181 O  "O4'" . U   A 1 9  ? -2.868  -10.636 0.483   1.000 27.693 0 9   U   AAA "O4'" 1 ? 
ATOM   182 C  "C3'" . U   A 1 9  ? -2.722  -10.934 -1.843  1.000 28.595 0 9   U   AAA "C3'" 1 ? 
ATOM   183 O  "O3'" . U   A 1 9  ? -2.915  -11.871 -2.899  1.000 28.216 0 9   U   AAA "O3'" 1 ? 
ATOM   184 C  "C2'" . U   A 1 9  ? -3.996  -10.158 -1.543  1.000 27.892 0 9   U   AAA "C2'" 1 ? 
ATOM   185 O  "O2'" . U   A 1 9  ? -5.122  -11.005 -1.549  1.000 30.936 0 9   U   AAA "O2'" 1 ? 
ATOM   186 C  "C1'" . U   A 1 9  ? -3.717  -9.674  -0.118  1.000 28.214 0 9   U   AAA "C1'" 1 ? 
ATOM   187 N  N1    . U   A 1 9  ? -3.080  -8.336  -0.075  1.000 23.160 0 9   U   AAA N1    1 ? 
ATOM   188 C  C2    . U   A 1 9  ? -3.911  -7.238  -0.173  1.000 21.838 0 9   U   AAA C2    1 ? 
ATOM   189 O  O2    . U   A 1 9  ? -5.117  -7.344  -0.306  1.000 27.317 0 9   U   AAA O2    1 ? 
ATOM   190 N  N3    . U   A 1 9  ? -3.283  -6.022  -0.125  1.000 21.543 0 9   U   AAA N3    1 ? 
ATOM   191 C  C4    . U   A 1 9  ? -1.935  -5.796  0.018   1.000 20.421 0 9   U   AAA C4    1 ? 
ATOM   192 O  O4    . U   A 1 9  ? -1.504  -4.653  0.033   1.000 22.636 0 9   U   AAA O4    1 ? 
ATOM   193 C  C5    . U   A 1 9  ? -1.125  -6.979  0.073   1.000 20.743 0 9   U   AAA C5    1 ? 
ATOM   194 C  C6    . U   A 1 9  ? -1.715  -8.182  0.036   1.000 20.988 0 9   U   AAA C6    1 ? 
ATOM   195 P  P     . C   A 1 10 ? -2.331  -11.395 -4.311  1.000 31.860 0 10  C   AAA P     1 ? 
ATOM   196 O  OP1   . C   A 1 10 ? -2.345  -12.600 -5.275  1.000 36.596 0 10  C   AAA OP1   1 ? 
ATOM   197 O  OP2   . C   A 1 10 ? -1.067  -10.577 -4.324  1.000 30.024 0 10  C   AAA OP2   1 ? 
ATOM   198 O  "O5'" . C   A 1 10 ? -3.454  -10.350 -4.860  1.000 29.802 0 10  C   AAA "O5'" 1 ? 
ATOM   199 C  "C5'" . C   A 1 10 ? -4.811  -10.781 -5.096  1.000 27.641 0 10  C   AAA "C5'" 1 ? 
ATOM   200 C  "C4'" . C   A 1 10 ? -5.658  -9.547  -5.291  1.000 25.031 0 10  C   AAA "C4'" 1 ? 
ATOM   201 O  "O4'" . C   A 1 10 ? -5.662  -8.744  -4.070  1.000 24.374 0 10  C   AAA "O4'" 1 ? 
ATOM   202 C  "C3'" . C   A 1 10 ? -5.202  -8.563  -6.382  1.000 24.627 0 10  C   AAA "C3'" 1 ? 
ATOM   203 O  "O3'" . C   A 1 10 ? -5.495  -9.004  -7.705  1.000 26.138 0 10  C   AAA "O3'" 1 ? 
ATOM   204 C  "C2'" . C   A 1 10 ? -6.027  -7.350  -5.965  1.000 23.017 0 10  C   AAA "C2'" 1 ? 
ATOM   205 O  "O2'" . C   A 1 10 ? -7.406  -7.478  -6.214  1.000 26.195 0 10  C   AAA "O2'" 1 ? 
ATOM   206 C  "C1'" . C   A 1 10 ? -5.819  -7.396  -4.448  1.000 24.481 0 10  C   AAA "C1'" 1 ? 
ATOM   207 N  N1    . C   A 1 10 ? -4.631  -6.610  -4.043  1.000 19.726 0 10  C   AAA N1    1 ? 
ATOM   208 C  C2    . C   A 1 10 ? -4.826  -5.221  -4.004  1.000 18.215 0 10  C   AAA C2    1 ? 
ATOM   209 O  O2    . C   A 1 10 ? -5.944  -4.762  -4.280  1.000 19.261 0 10  C   AAA O2    1 ? 
ATOM   210 N  N3    . C   A 1 10 ? -3.788  -4.436  -3.625  1.000 17.408 0 10  C   AAA N3    1 ? 
ATOM   211 C  C4    . C   A 1 10 ? -2.598  -4.973  -3.328  1.000 18.218 0 10  C   AAA C4    1 ? 
ATOM   212 N  N4    . C   A 1 10 ? -1.607  -4.156  -3.002  1.000 17.779 0 10  C   AAA N4    1 ? 
ATOM   213 C  C5    . C   A 1 10 ? -2.378  -6.383  -3.390  1.000 18.723 0 10  C   AAA C5    1 ? 
ATOM   214 C  C6    . C   A 1 10 ? -3.407  -7.147  -3.785  1.000 19.079 0 10  C   AAA C6    1 ? 
ATOM   215 P  P     . U   A 1 11 ? -4.493  -8.543  -8.883  1.000 28.758 0 11  U   AAA P     1 ? 
ATOM   216 O  OP1   . U   A 1 11 ? -4.867  -9.263  -10.199 1.000 30.284 0 11  U   AAA OP1   1 ? 
ATOM   217 O  OP2   . U   A 1 11 ? -2.989  -8.535  -8.563  1.000 30.625 0 11  U   AAA OP2   1 ? 
ATOM   218 O  "O5'" . U   A 1 11 ? -4.818  -6.955  -9.138  1.000 24.399 0 11  U   AAA "O5'" 1 ? 
ATOM   219 C  "C5'" . U   A 1 11 ? -6.154  -6.551  -9.461  1.000 21.703 0 11  U   AAA "C5'" 1 ? 
ATOM   220 C  "C4'" . U   A 1 11 ? -6.274  -5.075  -9.222  1.000 20.400 0 11  U   AAA "C4'" 1 ? 
ATOM   221 O  "O4'" . U   A 1 11 ? -5.975  -4.781  -7.835  1.000 18.923 0 11  U   AAA "O4'" 1 ? 
ATOM   222 C  "C3'" . U   A 1 11 ? -5.307  -4.151  -9.967  1.000 20.002 0 11  U   AAA "C3'" 1 ? 
ATOM   223 O  "O3'" . U   A 1 11 ? -5.702  -3.998  -11.321 1.000 19.388 0 11  U   AAA "O3'" 1 ? 
ATOM   224 C  "C2'" . U   A 1 11 ? -5.523  -2.871  -9.170  1.000 19.319 0 11  U   AAA "C2'" 1 ? 
ATOM   225 O  "O2'" . U   A 1 11 ? -6.768  -2.276  -9.480  1.000 20.897 0 11  U   AAA "O2'" 1 ? 
ATOM   226 C  "C1'" . U   A 1 11 ? -5.501  -3.457  -7.756  1.000 18.848 0 11  U   AAA "C1'" 1 ? 
ATOM   227 N  N1    . U   A 1 11 ? -4.145  -3.457  -7.201  1.000 18.052 0 11  U   AAA N1    1 ? 
ATOM   228 C  C2    . U   A 1 11 ? -3.660  -2.201  -6.869  1.000 16.378 0 11  U   AAA C2    1 ? 
ATOM   229 O  O2    . U   A 1 11 ? -4.354  -1.199  -6.911  1.000 18.220 0 11  U   AAA O2    1 ? 
ATOM   230 N  N3    . U   A 1 11 ? -2.395  -2.222  -6.366  1.000 16.993 0 11  U   AAA N3    1 ? 
ATOM   231 C  C4    . U   A 1 11 ? -1.542  -3.304  -6.245  1.000 17.594 0 11  U   AAA C4    1 ? 
ATOM   232 O  O4    . U   A 1 11 ? -0.421  -3.131  -5.772  1.000 19.882 0 11  U   AAA O4    1 ? 
ATOM   233 C  C5    . U   A 1 11 ? -2.081  -4.554  -6.678  1.000 17.800 0 11  U   AAA C5    1 ? 
ATOM   234 C  C6    . U   A 1 11 ? -3.338  -4.566  -7.149  1.000 17.277 0 11  U   AAA C6    1 ? 
HETATM 235 P  P     . SUR A 1 12 ? -4.618  -3.492  -12.460 1.000 19.552 0 12  SUR AAA P     1 ? 
HETATM 236 O  OP1   . SUR A 1 12 ? -5.397  -3.787  -13.730 1.000 21.940 0 12  SUR AAA OP1   1 ? 
HETATM 237 O  OP2   . SUR A 1 12 ? -3.348  -4.117  -12.170 1.000 19.174 0 12  SUR AAA OP2   1 ? 
HETATM 238 O  "O5'" . SUR A 1 12 ? -4.656  -1.901  -12.232 1.000 16.865 0 12  SUR AAA "O5'" 1 ? 
HETATM 239 C  "C5'" . SUR A 1 12 ? -5.728  -1.082  -12.624 1.000 16.810 0 12  SUR AAA "C5'" 1 ? 
HETATM 240 C  "C4'" . SUR A 1 12 ? -5.233  0.338   -12.504 1.000 16.817 0 12  SUR AAA "C4'" 1 ? 
HETATM 241 O  "O4'" . SUR A 1 12 ? -4.852  0.695   -11.170 1.000 16.077 0 12  SUR AAA "O4'" 1 ? 
HETATM 242 C  "C3'" . SUR A 1 12 ? -3.977  0.602   -13.377 1.000 17.484 0 12  SUR AAA "C3'" 1 ? 
HETATM 243 C  "C1'" . SUR A 1 12 ? -3.848  1.738   -11.353 1.000 17.291 0 12  SUR AAA "C1'" 1 ? 
HETATM 244 N  N1    . SUR A 1 12 ? -2.676  1.281   -10.571 1.000 15.460 0 12  SUR AAA N1    1 ? 
HETATM 245 C  "C2'" . SUR A 1 12 ? -3.621  1.923   -12.852 1.000 17.161 0 12  SUR AAA "C2'" 1 ? 
HETATM 246 C  C6    . SUR A 1 12 ? -2.442  -0.049  -10.133 1.000 15.034 0 12  SUR AAA C6    1 ? 
HETATM 247 C  C2    . SUR A 1 12 ? -1.753  2.248   -10.204 1.000 16.408 0 12  SUR AAA C2    1 ? 
HETATM 248 C  C5    . SUR A 1 12 ? -1.310  -0.423  -9.347  1.000 15.101 0 12  SUR AAA C5    1 ? 
HETATM 249 S  S2    . SUR A 1 12 ? -1.882  3.880   -10.693 1.000 18.247 0 12  SUR AAA S2    1 ? 
HETATM 250 N  N3    . SUR A 1 12 ? -0.680  1.839   -9.416  1.000 16.552 0 12  SUR AAA N3    1 ? 
HETATM 251 C  C4    . SUR A 1 12 ? -0.403  0.567   -8.956  1.000 15.435 0 12  SUR AAA C4    1 ? 
HETATM 252 O  O4    . SUR A 1 12 ? 0.611   0.349   -8.274  1.000 17.164 0 12  SUR AAA O4    1 ? 
HETATM 253 O  "O2'" . SUR A 1 12 ? -4.544  2.999   -13.280 1.000 18.856 0 12  SUR AAA "O2'" 1 ? 
HETATM 254 O  "O3'" . SUR A 1 12 ? -4.368  0.757   -14.751 1.000 17.968 0 12  SUR AAA "O3'" 1 ? 
ATOM   255 P  P     . C   A 1 13 ? -3.344  0.259   -15.810 1.000 17.955 0 13  C   AAA P     1 ? 
ATOM   256 O  OP1   . C   A 1 13 ? -4.113  0.308   -17.170 1.000 19.155 0 13  C   AAA OP1   1 ? 
ATOM   257 O  OP2   . C   A 1 13 ? -2.581  -1.022  -15.604 1.000 16.870 0 13  C   AAA OP2   1 ? 
ATOM   258 O  "O5'" . C   A 1 13 ? -2.143  1.338   -15.869 1.000 17.381 0 13  C   AAA "O5'" 1 ? 
ATOM   259 C  "C5'" . C   A 1 13 ? -2.458  2.656   -16.266 1.000 17.073 0 13  C   AAA "C5'" 1 ? 
ATOM   260 C  "C4'" . C   A 1 13 ? -1.317  3.523   -15.828 1.000 17.437 0 13  C   AAA "C4'" 1 ? 
ATOM   261 O  "O4'" . C   A 1 13 ? -1.239  3.508   -14.377 1.000 17.787 0 13  C   AAA "O4'" 1 ? 
ATOM   262 C  "C3'" . C   A 1 13 ? 0.081   3.096   -16.287 1.000 15.726 0 13  C   AAA "C3'" 1 ? 
ATOM   263 O  "O3'" . C   A 1 13 ? 0.340   3.530   -17.613 1.000 14.452 0 13  C   AAA "O3'" 1 ? 
ATOM   264 C  "C2'" . C   A 1 13 ? 0.913   3.911   -15.296 1.000 15.817 0 13  C   AAA "C2'" 1 ? 
ATOM   265 O  "O2'" . C   A 1 13 ? 0.823   5.288   -15.542 1.000 17.152 0 13  C   AAA "O2'" 1 ? 
ATOM   266 C  "C1'" . C   A 1 13 ? 0.118   3.675   -14.012 1.000 16.380 0 13  C   AAA "C1'" 1 ? 
ATOM   267 N  N1    . C   A 1 13 ? 0.600   2.507   -13.234 1.000 15.768 0 13  C   AAA N1    1 ? 
ATOM   268 C  C2    . C   A 1 13 ? 1.682   2.734   -12.369 1.000 15.581 0 13  C   AAA C2    1 ? 
ATOM   269 O  O2    . C   A 1 13 ? 2.193   3.862   -12.330 1.000 16.380 0 13  C   AAA O2    1 ? 
ATOM   270 N  N3    . C   A 1 13 ? 2.110   1.718   -11.602 1.000 15.251 0 13  C   AAA N3    1 ? 
ATOM   271 C  C4    . C   A 1 13 ? 1.568   0.498   -11.706 1.000 15.946 0 13  C   AAA C4    1 ? 
ATOM   272 N  N4    . C   A 1 13 ? 2.045   -0.458  -10.942 1.000 15.783 0 13  C   AAA N4    1 ? 
ATOM   273 C  C5    . C   A 1 13 ? 0.469   0.241   -12.585 1.000 14.550 0 13  C   AAA C5    1 ? 
ATOM   274 C  C6    . C   A 1 13 ? 0.036   1.263   -13.314 1.000 15.624 0 13  C   AAA C6    1 ? 
ATOM   275 P  P     . U   A 1 14 ? 1.393   2.712   -18.507 1.000 15.379 0 14  U   AAA P     1 ? 
ATOM   276 O  OP1   . U   A 1 14 ? 1.331   3.280   -19.892 1.000 15.843 0 14  U   AAA OP1   1 ? 
ATOM   277 O  OP2   . U   A 1 14 ? 1.248   1.249   -18.324 1.000 17.586 0 14  U   AAA OP2   1 ? 
ATOM   278 O  "O5'" . U   A 1 14 ? 2.861   3.034   -17.875 1.000 14.294 0 14  U   AAA "O5'" 1 ? 
ATOM   279 C  "C5'" . U   A 1 14 ? 3.403   4.366   -18.092 1.000 14.796 0 14  U   AAA "C5'" 1 ? 
ATOM   280 C  "C4'" . U   A 1 14 ? 4.581   4.567   -17.182 1.000 14.470 0 14  U   AAA "C4'" 1 ? 
ATOM   281 O  "O4'" . U   A 1 14 ? 4.239   4.315   -15.796 1.000 14.721 0 14  U   AAA "O4'" 1 ? 
ATOM   282 C  "C3'" . U   A 1 14 ? 5.777   3.647   -17.435 1.000 13.965 0 14  U   AAA "C3'" 1 ? 
ATOM   283 O  "O3'" . U   A 1 14 ? 6.521   4.179   -18.522 1.000 14.510 0 14  U   AAA "O3'" 1 ? 
ATOM   284 C  "C2'" . U   A 1 14 ? 6.523   3.890   -16.122 1.000 13.707 0 14  U   AAA "C2'" 1 ? 
ATOM   285 O  "O2'" . U   A 1 14 ? 7.033   5.211   -16.064 1.000 14.256 0 14  U   AAA "O2'" 1 ? 
ATOM   286 C  "C1'" . U   A 1 14 ? 5.363   3.771   -15.141 1.000 13.800 0 14  U   AAA "C1'" 1 ? 
ATOM   287 N  N1    . U   A 1 14 ? 5.065   2.397   -14.696 1.000 12.947 0 14  U   AAA N1    1 ? 
ATOM   288 C  C2    . U   A 1 14 ? 5.852   1.910   -13.660 1.000 13.950 0 14  U   AAA C2    1 ? 
ATOM   289 O  O2    . U   A 1 14 ? 6.820   2.498   -13.222 1.000 14.241 0 14  U   AAA O2    1 ? 
ATOM   290 N  N3    . U   A 1 14 ? 5.502   0.663   -13.218 1.000 13.725 0 14  U   AAA N3    1 ? 
ATOM   291 C  C4    . U   A 1 14 ? 4.452   -0.111  -13.631 1.000 14.146 0 14  U   AAA C4    1 ? 
ATOM   292 O  O4    . U   A 1 14 ? 4.260   -1.216  -13.115 1.000 15.602 0 14  U   AAA O4    1 ? 
ATOM   293 C  C5    . U   A 1 14 ? 3.665   0.463   -14.694 1.000 13.289 0 14  U   AAA C5    1 ? 
ATOM   294 C  C6    . U   A 1 14 ? 3.995   1.676   -15.173 1.000 13.299 0 14  U   AAA C6    1 ? 
ATOM   295 P  P     . C   A 1 15 ? 7.486   3.233   -19.379 1.000 16.554 0 15  C   AAA P     1 ? 
ATOM   296 O  OP1   . C   A 1 15 ? 7.879   4.020   -20.636 1.000 17.727 0 15  C   AAA OP1   1 ? 
ATOM   297 O  OP2   . C   A 1 15 ? 6.927   1.846   -19.531 1.000 18.517 0 15  C   AAA OP2   1 ? 
ATOM   298 O  "O5'" . C   A 1 15 ? 8.791   3.011   -18.448 1.000 16.645 0 15  C   AAA "O5'" 1 ? 
ATOM   299 C  "C5'" . C   A 1 15 ? 9.670   4.121   -18.128 1.000 16.539 0 15  C   AAA "C5'" 1 ? 
ATOM   300 C  "C4'" . C   A 1 15 ? 10.600  3.684   -17.021 1.000 14.795 0 15  C   AAA "C4'" 1 ? 
ATOM   301 O  "O4'" . C   A 1 15 ? 9.874   3.324   -15.828 1.000 14.876 0 15  C   AAA "O4'" 1 ? 
ATOM   302 C  "C3'" . C   A 1 15 ? 11.419  2.421   -17.306 1.000 15.268 0 15  C   AAA "C3'" 1 ? 
ATOM   303 O  "O3'" . C   A 1 15 ? 12.563  2.763   -18.059 1.000 15.859 0 15  C   AAA "O3'" 1 ? 
ATOM   304 C  "C2'" . C   A 1 15 ? 11.868  2.057   -15.907 1.000 15.717 0 15  C   AAA "C2'" 1 ? 
ATOM   305 O  "O2'" . C   A 1 15 ? 12.771  2.966   -15.313 1.000 17.285 0 15  C   AAA "O2'" 1 ? 
ATOM   306 C  "C1'" . C   A 1 15 ? 10.541  2.251   -15.179 1.000 14.960 0 15  C   AAA "C1'" 1 ? 
ATOM   307 N  N1    . C   A 1 15 ? 9.650   1.062   -15.212 1.000 13.479 0 15  C   AAA N1    1 ? 
ATOM   308 C  C2    . C   A 1 15 ? 9.879   0.080   -14.245 1.000 14.297 0 15  C   AAA C2    1 ? 
ATOM   309 O  O2    . C   A 1 15 ? 10.883  0.153   -13.514 1.000 14.402 0 15  C   AAA O2    1 ? 
ATOM   310 N  N3    . C   A 1 15 ? 8.971   -0.916  -14.142 1.000 13.552 0 15  C   AAA N3    1 ? 
ATOM   311 C  C4    . C   A 1 15 ? 7.915   -0.974  -14.953 1.000 12.915 0 15  C   AAA C4    1 ? 
ATOM   312 N  N4    . C   A 1 15 ? 7.043   -1.973  -14.781 1.000 14.110 0 15  C   AAA N4    1 ? 
ATOM   313 C  C5    . C   A 1 15 ? 7.691   -0.004  -15.974 1.000 14.925 0 15  C   AAA C5    1 ? 
ATOM   314 C  C6    . C   A 1 15 ? 8.602   0.970   -16.085 1.000 13.843 0 15  C   AAA C6    1 ? 
ATOM   315 P  P     . U   A 1 16 ? 13.062  1.742   -19.175 1.000 18.041 0 16  U   AAA P     1 ? 
ATOM   316 O  OP1   . U   A 1 16 ? 14.227  2.438   -19.894 1.000 19.969 0 16  U   AAA OP1   1 ? 
ATOM   317 O  OP2   . U   A 1 16 ? 11.971  1.204   -20.027 1.000 18.008 0 16  U   AAA OP2   1 ? 
ATOM   318 O  "O5'" . U   A 1 16 ? 13.660  0.488   -18.331 1.000 16.119 0 16  U   AAA "O5'" 1 ? 
ATOM   319 C  "C5'" . U   A 1 16 ? 14.889  0.674   -17.591 1.000 15.623 0 16  U   AAA "C5'" 1 ? 
ATOM   320 C  "C4'" . U   A 1 16 ? 15.112  -0.526  -16.718 1.000 15.763 0 16  U   AAA "C4'" 1 ? 
ATOM   321 O  "O4'" . U   A 1 16 ? 14.011  -0.658  -15.775 1.000 15.425 0 16  U   AAA "O4'" 1 ? 
ATOM   322 C  "C3'" . U   A 1 16 ? 15.155  -1.879  -17.432 1.000 16.064 0 16  U   AAA "C3'" 1 ? 
ATOM   323 O  "O3'" . U   A 1 16 ? 16.430  -2.138  -18.020 1.000 18.211 0 16  U   AAA "O3'" 1 ? 
ATOM   324 C  "C2'" . U   A 1 16 ? 14.861  -2.823  -16.277 1.000 16.169 0 16  U   AAA "C2'" 1 ? 
ATOM   325 O  "O2'" . U   A 1 16 ? 16.015  -3.019  -15.482 1.000 17.469 0 16  U   AAA "O2'" 1 ? 
ATOM   326 C  "C1'" . U   A 1 16 ? 13.807  -2.029  -15.497 1.000 14.776 0 16  U   AAA "C1'" 1 ? 
ATOM   327 N  N1    . U   A 1 16 ? 12.414  -2.376  -15.881 1.000 13.414 0 16  U   AAA N1    1 ? 
ATOM   328 C  C2    . U   A 1 16 ? 11.869  -3.482  -15.258 1.000 13.965 0 16  U   AAA C2    1 ? 
ATOM   329 O  O2    . U   A 1 16 ? 12.499  -4.163  -14.471 1.000 15.381 0 16  U   AAA O2    1 ? 
ATOM   330 N  N3    . U   A 1 16 ? 10.593  -3.776  -15.634 1.000 13.659 0 16  U   AAA N3    1 ? 
ATOM   331 C  C4    . U   A 1 16 ? 9.835   -3.143  -16.593 1.000 13.426 0 16  U   AAA C4    1 ? 
ATOM   332 O  O4    . U   A 1 16 ? 8.705   -3.551  -16.849 1.000 14.442 0 16  U   AAA O4    1 ? 
ATOM   333 C  C5    . U   A 1 16 ? 10.464  -2.012  -17.216 1.000 13.243 0 16  U   AAA C5    1 ? 
ATOM   334 C  C6    . U   A 1 16 ? 11.725  -1.693  -16.859 1.000 13.475 0 16  U   AAA C6    1 ? 
HETATM 335 CA CA    . CA  B 2 .  ? -6.140  3.642   11.621  1.000 27.697 0 101 CA  AAA CA    1 ? 
HETATM 336 O  O     . HOH C 3 .  ? -11.173 6.657   7.142   1.000 27.279 0 201 HOH AAA O     1 ? 
HETATM 337 O  O     . HOH C 3 .  ? 3.105   -3.318  -14.011 1.000 32.492 0 202 HOH AAA O     1 ? 
HETATM 338 O  O     . HOH C 3 .  ? 1.037   2.150   -22.186 1.000 29.969 0 203 HOH AAA O     1 ? 
HETATM 339 O  O     . HOH C 3 .  ? 14.447  -5.637  -13.647 1.000 33.884 0 204 HOH AAA O     1 ? 
HETATM 340 O  O     . HOH C 3 .  ? 0.889   -3.660  0.398   1.000 34.919 0 205 HOH AAA O     1 ? 
HETATM 341 O  O     . HOH C 3 .  ? -3.989  5.570   -13.336 1.000 22.583 0 206 HOH AAA O     1 ? 
HETATM 342 O  O     . HOH C 3 .  ? -1.559  9.148   16.130  1.000 29.060 0 207 HOH AAA O     1 ? 
HETATM 343 O  O     . HOH C 3 .  ? 1.477   -1.045  5.490   1.000 31.736 0 208 HOH AAA O     1 ? 
HETATM 344 O  O     . HOH C 3 .  ? 12.045  5.191   -14.036 1.000 25.959 0 209 HOH AAA O     1 ? 
HETATM 345 O  O     . HOH C 3 .  ? 2.167   -7.359  0.752   1.000 34.940 0 210 HOH AAA O     1 ? 
HETATM 346 O  O     . HOH C 3 .  ? 6.956   -2.855  -18.745 1.000 23.720 0 211 HOH AAA O     1 ? 
HETATM 347 O  O     . HOH C 3 .  ? 8.443   1.957   12.593  1.000 30.044 0 212 HOH AAA O     1 ? 
HETATM 348 O  O     . HOH C 3 .  ? 7.596   0.056   5.395   1.000 25.345 0 213 HOH AAA O     1 ? 
HETATM 349 O  O     . HOH C 3 .  ? 9.216   -2.492  4.083   1.000 33.610 0 214 HOH AAA O     1 ? 
HETATM 350 O  O     . HOH C 3 .  ? 5.605   -1.193  13.961  1.000 23.644 0 215 HOH AAA O     1 ? 
HETATM 351 O  O     . HOH C 3 .  ? 2.932   4.180   7.930   1.000 24.039 0 216 HOH AAA O     1 ? 
HETATM 352 O  O     . HOH C 3 .  ? 3.182   -5.291  11.355  1.000 28.722 0 217 HOH AAA O     1 ? 
HETATM 353 O  O     . HOH C 3 .  ? 16.746  -4.648  -18.996 1.000 29.707 0 218 HOH AAA O     1 ? 
HETATM 354 O  O     . HOH C 3 .  ? -0.078  5.881   8.890   1.000 26.346 0 219 HOH AAA O     1 ? 
HETATM 355 O  O     . HOH C 3 .  ? -11.819 9.428   16.281  1.000 27.957 0 220 HOH AAA O     1 ? 
HETATM 356 O  O     . HOH C 3 .  ? -4.295  -1.982  -18.649 1.000 30.444 0 221 HOH AAA O     1 ? 
HETATM 357 O  O     . HOH C 3 .  ? 0.657   6.567   -17.952 0.330 13.868 0 222 HOH AAA O     1 ? 
HETATM 358 O  O     . HOH C 3 .  ? -6.700  -0.052  -7.721  1.000 33.274 0 223 HOH AAA O     1 ? 
HETATM 359 O  O     . HOH C 3 .  ? 1.676   -2.050  -7.492  1.000 22.831 0 224 HOH AAA O     1 ? 
HETATM 360 O  O     . HOH C 3 .  ? -7.017  11.258  15.296  1.000 27.984 0 225 HOH AAA O     1 ? 
HETATM 361 O  O     . HOH C 3 .  ? 1.100   9.832   6.590   1.000 38.596 0 226 HOH AAA O     1 ? 
HETATM 362 O  O     . HOH C 3 .  ? -1.473  -2.445  -13.524 1.000 24.477 0 227 HOH AAA O     1 ? 
HETATM 363 O  O     . HOH C 3 .  ? 0.957   1.985   7.486   1.000 23.644 0 228 HOH AAA O     1 ? 
HETATM 364 O  O     . HOH C 3 .  ? -14.453 4.231   8.810   1.000 28.528 0 229 HOH AAA O     1 ? 
HETATM 365 O  O     . HOH C 3 .  ? -0.857  0.077   -19.704 1.000 20.470 0 230 HOH AAA O     1 ? 
HETATM 366 O  O     . HOH C 3 .  ? 2.448   -4.554  3.469   1.000 37.006 0 231 HOH AAA O     1 ? 
HETATM 367 O  O     . HOH C 3 .  ? 9.657   -5.936  6.693   0.330 22.294 0 232 HOH AAA O     1 ? 
HETATM 368 O  O     . HOH C 3 .  ? -7.749  2.009   16.551  1.000 24.309 0 233 HOH AAA O     1 ? 
HETATM 369 O  O     . HOH C 3 .  ? -1.056  -8.623  -6.337  1.000 35.397 0 234 HOH AAA O     1 ? 
HETATM 370 O  O     . HOH C 3 .  ? -8.464  5.569   7.235   1.000 36.363 0 235 HOH AAA O     1 ? 
HETATM 371 O  O     . HOH C 3 .  ? -8.054  4.976   11.005  1.000 22.565 0 236 HOH AAA O     1 ? 
HETATM 372 O  O     . HOH C 3 .  ? -1.317  -6.478  -9.549  1.000 31.317 0 237 HOH AAA O     1 ? 
HETATM 373 O  O     . HOH C 3 .  ? -3.777  3.040   11.661  1.000 24.163 0 238 HOH AAA O     1 ? 
HETATM 374 O  O     . HOH C 3 .  ? 1.726   6.005   -20.585 0.330 17.645 0 239 HOH AAA O     1 ? 
HETATM 375 O  O     . HOH C 3 .  ? 0.819   -2.997  -11.308 1.000 33.795 0 240 HOH AAA O     1 ? 
HETATM 376 O  O     . HOH C 3 .  ? -1.701  -3.611  -9.905  1.000 21.890 0 241 HOH AAA O     1 ? 
HETATM 377 O  O     . HOH C 3 .  ? 0.369   -8.865  -2.559  1.000 39.702 0 242 HOH AAA O     1 ? 
HETATM 378 O  O     . HOH C 3 .  ? 9.339   0.124   -19.763 1.000 22.001 0 243 HOH AAA O     1 ? 
HETATM 379 O  O     . HOH C 3 .  ? 8.266   -5.204  10.118  0.330 24.386 0 244 HOH AAA O     1 ? 
HETATM 380 O  O     . HOH C 3 .  ? -5.126  5.312   9.780   1.000 26.420 0 245 HOH AAA O     1 ? 
HETATM 381 O  O     . HOH C 3 .  ? -8.929  -3.158  -11.185 1.000 29.211 0 246 HOH AAA O     1 ? 
HETATM 382 O  O     . HOH C 3 .  ? 0.837   -5.704  -2.765  1.000 28.397 0 247 HOH AAA O     1 ? 
HETATM 383 O  O     . HOH C 3 .  ? 0.401   -0.605  -16.233 1.000 25.357 0 248 HOH AAA O     1 ? 
HETATM 384 O  O     . HOH C 3 .  ? 9.082   5.024   9.144   1.000 30.144 0 249 HOH AAA O     1 ? 
HETATM 385 O  O     . HOH C 3 .  ? 4.832   -2.102  -16.723 1.000 22.569 0 250 HOH AAA O     1 ? 
HETATM 386 O  O     . HOH C 3 .  ? 3.391   8.124   16.912  1.000 31.082 0 251 HOH AAA O     1 ? 
HETATM 387 O  O     . HOH C 3 .  ? 13.315  6.884   -16.760 0.500 49.478 0 252 HOH AAA O     1 ? 
HETATM 388 O  O     . HOH C 3 .  ? 2.674   -13.291 5.432   1.000 39.928 0 253 HOH AAA O     1 ? 
HETATM 389 O  O     . HOH C 3 .  ? 3.893   -4.388  -5.815  1.000 33.608 0 254 HOH AAA O     1 ? 
# 
